data_6ND7
#
_entry.id   6ND7
#
_cell.length_a   58.498
_cell.length_b   80.991
_cell.length_c   139.955
_cell.angle_alpha   90.000
_cell.angle_beta   90.000
_cell.angle_gamma   90.000
#
_symmetry.space_group_name_H-M   'P 21 21 21'
#
loop_
_entity.id
_entity.type
_entity.pdbx_description
1 polymer 'TerB Oxidoreductase'
2 non-polymer 'NADPH DIHYDRO-NICOTINAMIDE-ADENINE-DINUCLEOTIDE PHOSPHATE'
3 non-polymer 2~3~,2~6~-dihydroxy[1~1~,2~1~:2~4~,3~1~-terphenyl]-2~2~,2~5~-dione
4 non-polymer GLYCEROL
5 non-polymer 'ISOPROPYL ALCOHOL'
6 water water
#
_entity_poly.entity_id   1
_entity_poly.type   'polypeptide(L)'
_entity_poly.pdbx_seq_one_letter_code
;MGSSHHHHHHSSGLVPRGSHMEGKKILVTGGTGQVARPVAEALAERNEVWCLGRFGTPGVEKELNDRGITTFHWDMDDPG
AAAYEGLPDDFTHVLHSAVRRGEDGDVNAAVEVNSVACGRLMTHCRGAEAFLFVSTGALYKRQTLDHAYTEDDPVDGVAD
WLPAYPVGKIAAEGAVRAFAQVLNLPTTIARLNIAYGPGGYGGVPMLYFKRMLAGEPIPVPKEGQNWCSLLHTDDLVAHV
PRLWEAAATPATLVNWGGDEAVGITDCVRYLEELTGVRARLVPSEVTRETYRFDPTRRREITGPCRVPWREGVRRTLQAL
HPEHLPSESRHSAV
;
_entity_poly.pdbx_strand_id   A,B
#
loop_
_chem_comp.id
_chem_comp.type
_chem_comp.name
_chem_comp.formula
GOL non-polymer GLYCEROL 'C3 H8 O3'
IPA non-polymer 'ISOPROPYL ALCOHOL' 'C3 H8 O'
KJG non-polymer 2~3~,2~6~-dihydroxy[1~1~,2~1~:2~4~,3~1~-terphenyl]-2~2~,2~5~-dione 'C18 H12 O4'
NDP non-polymer 'NADPH DIHYDRO-NICOTINAMIDE-ADENINE-DINUCLEOTIDE PHOSPHATE' 'C21 H30 N7 O17 P3'
#
# COMPACT_ATOMS: atom_id res chain seq x y z
N LEU A 14 -10.96 -1.06 40.78
CA LEU A 14 -10.83 0.39 40.71
C LEU A 14 -9.35 0.80 40.78
N VAL A 15 -8.80 1.20 39.65
CA VAL A 15 -7.38 1.54 39.54
C VAL A 15 -7.20 2.76 38.63
N PRO A 16 -6.44 3.76 39.05
CA PRO A 16 -6.22 4.93 38.18
C PRO A 16 -5.60 4.55 36.85
N ARG A 17 -6.07 5.19 35.78
CA ARG A 17 -5.59 4.84 34.45
C ARG A 17 -4.13 5.21 34.24
N GLY A 18 -3.61 6.17 34.99
CA GLY A 18 -2.20 6.50 34.89
C GLY A 18 -1.29 5.38 35.34
N SER A 19 -1.83 4.37 36.00
CA SER A 19 -1.05 3.26 36.52
C SER A 19 -0.77 2.19 35.47
N HIS A 20 -1.32 2.30 34.25
CA HIS A 20 -1.10 1.27 33.23
C HIS A 20 0.38 1.11 32.90
N MET A 21 1.16 2.17 33.04
N MET A 21 1.16 2.18 33.06
CA MET A 21 2.56 2.19 32.61
CA MET A 21 2.55 2.20 32.65
C MET A 21 3.24 3.36 33.31
C MET A 21 3.23 3.36 33.37
N GLU A 22 4.47 3.14 33.80
CA GLU A 22 5.20 4.17 34.54
C GLU A 22 6.68 4.18 34.17
N GLY A 23 7.27 5.37 34.23
CA GLY A 23 8.69 5.52 34.13
C GLY A 23 9.28 5.49 32.74
N LYS A 24 8.45 5.56 31.70
CA LYS A 24 8.92 5.46 30.33
C LYS A 24 9.01 6.82 29.67
N LYS A 25 9.52 6.84 28.43
CA LYS A 25 9.67 8.08 27.66
C LYS A 25 8.98 7.86 26.32
N ILE A 26 7.85 8.52 26.12
CA ILE A 26 6.88 8.16 25.10
C ILE A 26 6.77 9.28 24.07
N LEU A 27 6.85 8.93 22.79
CA LEU A 27 6.62 9.86 21.69
C LEU A 27 5.25 9.54 21.09
N VAL A 28 4.39 10.56 20.99
CA VAL A 28 3.05 10.43 20.41
C VAL A 28 2.95 11.42 19.25
N THR A 29 2.58 10.93 18.06
CA THR A 29 2.06 11.79 17.01
C THR A 29 0.54 11.66 16.98
N GLY A 30 -0.13 12.68 16.44
CA GLY A 30 -1.58 12.70 16.46
C GLY A 30 -2.17 12.96 17.83
N GLY A 31 -1.40 13.59 18.73
CA GLY A 31 -1.83 13.82 20.09
C GLY A 31 -2.92 14.87 20.28
N THR A 32 -3.25 15.62 19.23
CA THR A 32 -4.43 16.48 19.30
C THR A 32 -5.69 15.73 18.87
N GLY A 33 -5.54 14.54 18.30
CA GLY A 33 -6.65 13.86 17.67
C GLY A 33 -7.54 13.06 18.60
N GLN A 34 -8.65 12.56 18.03
N GLN A 34 -8.64 12.58 18.02
CA GLN A 34 -9.63 11.84 18.82
CA GLN A 34 -9.63 11.81 18.75
C GLN A 34 -9.07 10.57 19.45
C GLN A 34 -9.00 10.62 19.47
N VAL A 35 -8.14 9.90 18.76
CA VAL A 35 -7.65 8.61 19.25
C VAL A 35 -6.54 8.80 20.26
N ALA A 36 -5.49 9.53 19.90
CA ALA A 36 -4.27 9.52 20.71
C ALA A 36 -4.23 10.59 21.80
N ARG A 37 -5.08 11.61 21.74
CA ARG A 37 -5.07 12.60 22.82
C ARG A 37 -5.31 11.98 24.18
N PRO A 38 -6.33 11.12 24.39
CA PRO A 38 -6.51 10.52 25.72
C PRO A 38 -5.37 9.63 26.13
N VAL A 39 -4.71 8.97 25.16
CA VAL A 39 -3.55 8.14 25.47
C VAL A 39 -2.41 9.00 26.01
N ALA A 40 -2.13 10.11 25.32
CA ALA A 40 -1.06 11.01 25.76
C ALA A 40 -1.36 11.57 27.13
N GLU A 41 -2.62 11.96 27.36
CA GLU A 41 -2.98 12.54 28.65
C GLU A 41 -2.86 11.52 29.76
N ALA A 42 -3.31 10.29 29.52
CA ALA A 42 -3.24 9.25 30.53
C ALA A 42 -1.80 8.92 30.88
N LEU A 43 -0.94 8.76 29.87
CA LEU A 43 0.43 8.36 30.09
C LEU A 43 1.29 9.50 30.63
N ALA A 44 0.86 10.76 30.47
CA ALA A 44 1.67 11.88 30.95
C ALA A 44 1.76 11.93 32.47
N GLU A 45 0.82 11.29 33.19
N GLU A 45 0.84 11.26 33.18
CA GLU A 45 0.85 11.40 34.64
CA GLU A 45 0.81 11.37 34.63
C GLU A 45 2.11 10.78 35.21
C GLU A 45 2.02 10.71 35.29
N ARG A 46 2.50 9.60 34.72
CA ARG A 46 3.59 8.82 35.31
C ARG A 46 4.72 8.51 34.37
N ASN A 47 4.73 9.10 33.18
CA ASN A 47 5.79 8.93 32.19
C ASN A 47 6.12 10.30 31.60
N GLU A 48 7.26 10.39 30.91
CA GLU A 48 7.60 11.57 30.12
C GLU A 48 6.97 11.41 28.74
N VAL A 49 6.04 12.30 28.39
CA VAL A 49 5.32 12.20 27.12
C VAL A 49 5.58 13.45 26.28
N TRP A 50 5.97 13.23 25.02
CA TRP A 50 6.13 14.27 24.03
C TRP A 50 5.08 14.05 22.94
N CYS A 51 4.36 15.11 22.60
CA CYS A 51 3.43 15.10 21.46
C CYS A 51 4.02 15.94 20.32
N LEU A 52 4.10 15.35 19.13
CA LEU A 52 4.64 16.00 17.94
C LEU A 52 3.50 16.31 16.99
N GLY A 53 3.40 17.55 16.53
CA GLY A 53 2.32 17.93 15.65
C GLY A 53 2.39 19.39 15.24
N ARG A 54 1.31 19.85 14.62
CA ARG A 54 1.20 21.21 14.11
C ARG A 54 0.43 22.12 15.07
N PHE A 55 -0.52 21.57 15.82
CA PHE A 55 -1.25 22.33 16.85
C PHE A 55 -1.91 23.59 16.27
N GLY A 56 -2.56 23.44 15.12
CA GLY A 56 -3.21 24.57 14.50
C GLY A 56 -4.47 25.02 15.20
N THR A 57 -5.09 24.15 16.00
CA THR A 57 -6.30 24.52 16.72
C THR A 57 -5.91 25.40 17.91
N PRO A 58 -6.37 26.63 18.00
CA PRO A 58 -5.91 27.49 19.09
C PRO A 58 -6.24 26.90 20.44
N GLY A 59 -5.24 26.94 21.34
CA GLY A 59 -5.41 26.50 22.70
C GLY A 59 -5.07 25.04 22.96
N VAL A 60 -5.00 24.21 21.93
N VAL A 60 -5.02 24.20 21.93
CA VAL A 60 -4.80 22.79 22.18
CA VAL A 60 -4.80 22.78 22.19
C VAL A 60 -3.40 22.53 22.70
C VAL A 60 -3.40 22.53 22.72
N GLU A 61 -2.39 23.20 22.16
CA GLU A 61 -1.03 23.00 22.65
C GLU A 61 -0.94 23.41 24.12
N LYS A 62 -1.56 24.54 24.47
CA LYS A 62 -1.58 24.99 25.86
C LYS A 62 -2.23 23.96 26.78
N GLU A 63 -3.39 23.42 26.37
CA GLU A 63 -4.05 22.41 27.20
C GLU A 63 -3.16 21.20 27.39
N LEU A 64 -2.51 20.72 26.33
CA LEU A 64 -1.61 19.58 26.46
C LEU A 64 -0.47 19.91 27.42
N ASN A 65 0.13 21.10 27.28
CA ASN A 65 1.20 21.51 28.19
C ASN A 65 0.69 21.54 29.63
N ASP A 66 -0.52 22.09 29.84
CA ASP A 66 -1.06 22.18 31.20
C ASP A 66 -1.34 20.80 31.77
N ARG A 67 -1.64 19.83 30.90
CA ARG A 67 -1.92 18.46 31.30
C ARG A 67 -0.66 17.63 31.36
N GLY A 68 0.53 18.28 31.34
CA GLY A 68 1.80 17.62 31.60
C GLY A 68 2.57 17.09 30.41
N ILE A 69 2.28 17.53 29.20
CA ILE A 69 2.85 16.98 27.96
C ILE A 69 3.83 17.98 27.35
N THR A 70 5.01 17.51 26.97
CA THR A 70 5.95 18.32 26.19
C THR A 70 5.52 18.30 24.73
N THR A 71 5.46 19.46 24.10
CA THR A 71 5.04 19.57 22.71
C THR A 71 6.20 20.03 21.82
N PHE A 72 6.20 19.53 20.58
CA PHE A 72 7.28 19.74 19.62
C PHE A 72 6.63 19.89 18.26
N HIS A 73 6.82 21.03 17.62
CA HIS A 73 6.21 21.26 16.31
C HIS A 73 6.88 20.37 15.27
N TRP A 74 6.05 19.69 14.48
CA TRP A 74 6.46 18.61 13.58
C TRP A 74 5.36 18.45 12.55
N ASP A 75 5.71 18.61 11.27
CA ASP A 75 4.76 18.59 10.18
C ASP A 75 5.20 17.53 9.18
N MET A 76 4.36 16.51 8.97
CA MET A 76 4.67 15.45 8.03
C MET A 76 4.82 15.95 6.59
N ASP A 77 4.22 17.09 6.26
CA ASP A 77 4.32 17.62 4.91
C ASP A 77 5.71 18.17 4.59
N ASP A 78 6.57 18.36 5.57
CA ASP A 78 7.95 18.69 5.27
C ASP A 78 8.65 17.42 4.79
N PRO A 79 9.10 17.36 3.53
CA PRO A 79 9.65 16.09 3.01
C PRO A 79 11.04 15.77 3.50
N GLY A 80 11.81 16.80 3.85
CA GLY A 80 13.18 16.61 4.29
C GLY A 80 13.27 16.05 5.70
N ALA A 81 14.49 16.05 6.23
CA ALA A 81 14.76 15.58 7.58
C ALA A 81 14.84 16.70 8.60
N ALA A 82 14.68 17.96 8.18
CA ALA A 82 14.84 19.08 9.10
C ALA A 82 13.83 19.03 10.23
N ALA A 83 12.68 18.38 10.02
CA ALA A 83 11.64 18.34 11.03
C ALA A 83 12.08 17.63 12.31
N TYR A 84 13.19 16.88 12.25
CA TYR A 84 13.67 16.09 13.37
C TYR A 84 14.80 16.76 14.16
N GLU A 85 15.27 17.92 13.72
N GLU A 85 15.26 17.93 13.72
CA GLU A 85 16.32 18.62 14.45
CA GLU A 85 16.31 18.62 14.46
C GLU A 85 15.83 18.97 15.85
C GLU A 85 15.83 18.97 15.85
N GLY A 86 16.64 18.61 16.85
CA GLY A 86 16.31 18.88 18.23
C GLY A 86 15.41 17.87 18.91
N LEU A 87 15.00 16.84 18.21
CA LEU A 87 14.14 15.82 18.78
C LEU A 87 14.99 14.74 19.45
N PRO A 88 14.77 14.42 20.72
CA PRO A 88 15.57 13.35 21.34
C PRO A 88 15.41 12.03 20.61
N ASP A 89 16.43 11.18 20.75
CA ASP A 89 16.41 9.85 20.12
C ASP A 89 16.40 8.72 21.14
N ASP A 90 16.02 9.01 22.39
CA ASP A 90 16.00 8.01 23.45
C ASP A 90 14.59 7.70 23.97
N PHE A 91 13.58 7.92 23.15
CA PHE A 91 12.24 7.47 23.48
C PHE A 91 12.21 5.94 23.57
N THR A 92 11.48 5.43 24.57
CA THR A 92 11.34 3.99 24.75
C THR A 92 10.14 3.42 23.99
N HIS A 93 9.10 4.24 23.79
CA HIS A 93 7.85 3.78 23.22
C HIS A 93 7.30 4.87 22.31
N VAL A 94 6.71 4.46 21.19
CA VAL A 94 6.23 5.39 20.17
C VAL A 94 4.83 4.98 19.74
N LEU A 95 3.91 5.96 19.69
CA LEU A 95 2.58 5.80 19.12
C LEU A 95 2.47 6.75 17.94
N HIS A 96 2.41 6.21 16.71
CA HIS A 96 2.27 7.02 15.51
C HIS A 96 0.82 7.00 15.04
N SER A 97 0.07 8.03 15.46
CA SER A 97 -1.35 8.17 15.16
C SER A 97 -1.67 9.29 14.19
N ALA A 98 -0.74 10.21 13.92
CA ALA A 98 -1.01 11.28 12.96
C ALA A 98 -1.25 10.69 11.56
N VAL A 99 -2.12 11.35 10.81
CA VAL A 99 -2.50 10.85 9.48
C VAL A 99 -2.86 11.99 8.55
N ARG A 100 -2.43 11.86 7.27
CA ARG A 100 -3.00 12.63 6.17
C ARG A 100 -3.93 11.67 5.44
N ARG A 101 -5.25 11.80 5.71
CA ARG A 101 -6.20 10.83 5.17
C ARG A 101 -6.39 10.98 3.66
N GLY A 102 -6.19 12.18 3.12
CA GLY A 102 -6.38 12.39 1.70
C GLY A 102 -7.74 12.88 1.28
N GLU A 103 -8.43 13.66 2.11
CA GLU A 103 -9.74 14.19 1.74
C GLU A 103 -9.70 14.98 0.42
N ASP A 104 -8.56 15.58 0.09
CA ASP A 104 -8.40 16.34 -1.14
C ASP A 104 -8.33 15.46 -2.38
N GLY A 105 -8.33 14.14 -2.23
CA GLY A 105 -8.28 13.24 -3.35
C GLY A 105 -6.91 13.02 -3.95
N ASP A 106 -5.87 13.62 -3.39
CA ASP A 106 -4.51 13.50 -3.91
C ASP A 106 -3.90 12.22 -3.37
N VAL A 107 -4.10 11.13 -4.12
CA VAL A 107 -3.68 9.82 -3.61
C VAL A 107 -2.16 9.71 -3.58
N ASN A 108 -1.45 10.29 -4.55
CA ASN A 108 0.00 10.27 -4.49
C ASN A 108 0.52 10.97 -3.23
N ALA A 109 -0.07 12.11 -2.86
CA ALA A 109 0.34 12.78 -1.64
C ALA A 109 0.03 11.93 -0.40
N ALA A 110 -1.14 11.30 -0.36
CA ALA A 110 -1.45 10.43 0.77
C ALA A 110 -0.43 9.30 0.89
N VAL A 111 -0.07 8.70 -0.23
CA VAL A 111 0.92 7.62 -0.21
C VAL A 111 2.28 8.16 0.24
N GLU A 112 2.74 9.27 -0.37
CA GLU A 112 4.08 9.77 -0.12
C GLU A 112 4.22 10.30 1.30
N VAL A 113 3.33 11.21 1.70
CA VAL A 113 3.51 11.91 2.97
C VAL A 113 3.48 10.90 4.13
N ASN A 114 2.48 10.03 4.15
CA ASN A 114 2.35 9.09 5.27
C ASN A 114 3.49 8.06 5.26
N SER A 115 3.84 7.53 4.08
CA SER A 115 4.87 6.50 4.05
C SER A 115 6.22 7.05 4.49
N VAL A 116 6.60 8.22 3.96
CA VAL A 116 7.90 8.79 4.30
C VAL A 116 7.94 9.16 5.77
N ALA A 117 6.85 9.70 6.32
CA ALA A 117 6.82 10.03 7.75
C ALA A 117 7.04 8.78 8.59
N CYS A 118 6.41 7.66 8.22
CA CYS A 118 6.63 6.42 8.94
C CYS A 118 8.11 6.07 8.94
N GLY A 119 8.75 6.10 7.77
CA GLY A 119 10.16 5.72 7.71
C GLY A 119 11.06 6.66 8.49
N ARG A 120 10.84 7.96 8.38
CA ARG A 120 11.70 8.90 9.09
C ARG A 120 11.51 8.78 10.60
N LEU A 121 10.27 8.61 11.06
CA LEU A 121 10.01 8.51 12.49
C LEU A 121 10.57 7.21 13.06
N MET A 122 10.37 6.09 12.36
CA MET A 122 10.93 4.83 12.83
C MET A 122 12.44 4.86 12.87
N THR A 123 13.07 5.43 11.82
CA THR A 123 14.53 5.54 11.79
C THR A 123 15.03 6.39 12.96
N HIS A 124 14.39 7.54 13.19
CA HIS A 124 14.77 8.38 14.32
C HIS A 124 14.69 7.63 15.63
N CYS A 125 13.62 6.85 15.81
CA CYS A 125 13.36 6.12 17.03
C CYS A 125 13.79 4.65 16.96
N ARG A 126 14.84 4.36 16.19
N ARG A 126 14.83 4.35 16.18
CA ARG A 126 15.21 2.97 15.96
CA ARG A 126 15.20 2.96 15.96
C ARG A 126 15.65 2.26 17.24
C ARG A 126 15.64 2.27 17.23
N GLY A 127 16.01 3.01 18.28
CA GLY A 127 16.39 2.42 19.55
C GLY A 127 15.25 2.15 20.52
N ALA A 128 14.02 2.45 20.15
CA ALA A 128 12.89 2.31 21.05
C ALA A 128 12.60 0.84 21.33
N GLU A 129 11.91 0.58 22.46
CA GLU A 129 11.48 -0.78 22.78
C GLU A 129 10.35 -1.24 21.87
N ALA A 130 9.48 -0.34 21.43
CA ALA A 130 8.28 -0.73 20.68
C ALA A 130 7.70 0.47 19.94
N PHE A 131 7.22 0.21 18.72
CA PHE A 131 6.58 1.20 17.85
C PHE A 131 5.18 0.70 17.50
N LEU A 132 4.17 1.52 17.75
CA LEU A 132 2.77 1.20 17.47
C LEU A 132 2.28 2.12 16.36
N PHE A 133 1.92 1.53 15.22
CA PHE A 133 1.33 2.25 14.10
C PHE A 133 -0.17 2.01 14.08
N VAL A 134 -0.96 3.09 14.07
CA VAL A 134 -2.41 2.99 13.96
C VAL A 134 -2.77 2.96 12.49
N SER A 135 -3.53 1.95 12.07
CA SER A 135 -4.02 1.83 10.71
C SER A 135 -5.56 1.79 10.75
N THR A 136 -6.19 1.19 9.74
CA THR A 136 -7.63 1.18 9.58
C THR A 136 -8.12 -0.14 9.02
N GLY A 137 -9.39 -0.44 9.32
CA GLY A 137 -10.09 -1.50 8.60
C GLY A 137 -10.72 -1.10 7.28
N ALA A 138 -10.62 0.18 6.88
CA ALA A 138 -11.24 0.61 5.64
C ALA A 138 -10.62 -0.09 4.44
N LEU A 139 -9.40 -0.59 4.58
CA LEU A 139 -8.71 -1.28 3.51
C LEU A 139 -9.16 -2.73 3.33
N TYR A 140 -10.08 -3.27 4.14
CA TYR A 140 -10.60 -4.60 3.86
C TYR A 140 -11.48 -4.58 2.60
N LYS A 141 -11.39 -5.64 1.81
CA LYS A 141 -12.28 -5.85 0.68
C LYS A 141 -13.67 -6.22 1.20
N ARG A 142 -14.70 -5.52 0.75
CA ARG A 142 -16.05 -5.83 1.20
C ARG A 142 -16.41 -7.27 0.85
N GLN A 143 -16.85 -8.01 1.86
CA GLN A 143 -17.47 -9.32 1.69
C GLN A 143 -18.97 -9.16 1.83
N THR A 144 -19.48 -9.23 3.05
CA THR A 144 -20.82 -8.76 3.40
C THR A 144 -20.68 -7.62 4.40
N LEU A 145 -21.75 -6.87 4.60
CA LEU A 145 -21.67 -5.73 5.52
C LEU A 145 -21.53 -6.17 6.97
N ASP A 146 -22.02 -7.37 7.32
CA ASP A 146 -22.00 -7.88 8.69
C ASP A 146 -20.83 -8.81 8.99
N HIS A 147 -20.01 -9.15 8.01
CA HIS A 147 -18.91 -10.08 8.22
C HIS A 147 -17.98 -9.60 9.32
N ALA A 148 -17.47 -10.54 10.12
CA ALA A 148 -16.46 -10.23 11.12
C ALA A 148 -15.08 -10.33 10.48
N TYR A 149 -14.48 -9.19 10.13
CA TYR A 149 -13.21 -9.20 9.41
C TYR A 149 -12.07 -9.64 10.31
N THR A 150 -11.25 -10.55 9.82
CA THR A 150 -10.05 -11.00 10.50
C THR A 150 -8.81 -10.39 9.86
N GLU A 151 -7.66 -10.61 10.51
CA GLU A 151 -6.40 -10.05 10.05
C GLU A 151 -5.95 -10.63 8.71
N ASP A 152 -6.53 -11.73 8.29
CA ASP A 152 -6.12 -12.39 7.05
C ASP A 152 -7.13 -12.23 5.93
N ASP A 153 -8.19 -11.47 6.14
CA ASP A 153 -9.19 -11.30 5.10
C ASP A 153 -8.59 -10.46 3.98
N PRO A 154 -9.09 -10.61 2.75
CA PRO A 154 -8.51 -9.86 1.63
C PRO A 154 -8.63 -8.36 1.79
N VAL A 155 -7.72 -7.68 1.14
CA VAL A 155 -7.54 -6.24 1.22
C VAL A 155 -7.68 -5.65 -0.17
N ASP A 156 -8.29 -4.47 -0.25
CA ASP A 156 -8.30 -3.71 -1.48
C ASP A 156 -8.15 -2.24 -1.12
N GLY A 157 -8.04 -1.41 -2.14
CA GLY A 157 -7.88 -0.01 -1.83
C GLY A 157 -9.17 0.76 -1.96
N VAL A 158 -10.30 0.16 -1.56
CA VAL A 158 -11.61 0.72 -1.88
C VAL A 158 -12.27 1.29 -0.63
N ALA A 159 -12.52 2.59 -0.66
CA ALA A 159 -13.41 3.26 0.29
C ALA A 159 -14.04 4.42 -0.46
N ASP A 160 -15.22 4.19 -1.05
CA ASP A 160 -15.83 5.22 -1.88
C ASP A 160 -16.05 6.52 -1.12
N TRP A 161 -16.28 6.44 0.20
CA TRP A 161 -16.53 7.64 1.00
C TRP A 161 -15.25 8.47 1.22
N LEU A 162 -14.08 7.89 1.02
N LEU A 162 -14.07 7.89 0.99
CA LEU A 162 -12.81 8.60 1.18
CA LEU A 162 -12.80 8.60 1.20
C LEU A 162 -11.74 7.84 0.42
C LEU A 162 -11.72 7.86 0.42
N PRO A 163 -11.70 7.97 -0.91
CA PRO A 163 -10.92 7.02 -1.72
C PRO A 163 -9.43 6.94 -1.42
N ALA A 164 -8.77 8.07 -1.17
CA ALA A 164 -7.33 8.04 -1.00
C ALA A 164 -6.91 7.39 0.31
N TYR A 165 -7.81 7.31 1.29
CA TYR A 165 -7.44 6.93 2.65
C TYR A 165 -6.90 5.52 2.75
N PRO A 166 -7.64 4.47 2.34
CA PRO A 166 -7.09 3.12 2.49
C PRO A 166 -5.85 2.88 1.67
N VAL A 167 -5.73 3.52 0.51
CA VAL A 167 -4.53 3.35 -0.31
C VAL A 167 -3.31 3.90 0.41
N GLY A 168 -3.43 5.11 0.97
CA GLY A 168 -2.35 5.64 1.79
C GLY A 168 -1.98 4.75 2.96
N LYS A 169 -2.97 4.08 3.55
CA LYS A 169 -2.68 3.19 4.68
C LYS A 169 -2.00 1.89 4.25
N ILE A 170 -2.36 1.32 3.10
CA ILE A 170 -1.65 0.15 2.60
C ILE A 170 -0.18 0.49 2.35
N ALA A 171 0.05 1.63 1.70
CA ALA A 171 1.43 2.07 1.45
C ALA A 171 2.21 2.26 2.74
N ALA A 172 1.61 2.95 3.70
CA ALA A 172 2.26 3.18 4.98
C ALA A 172 2.53 1.86 5.70
N GLU A 173 1.59 0.92 5.67
CA GLU A 173 1.82 -0.38 6.30
C GLU A 173 3.02 -1.06 5.65
N GLY A 174 3.15 -0.97 4.33
CA GLY A 174 4.33 -1.53 3.67
C GLY A 174 5.62 -0.93 4.20
N ALA A 175 5.68 0.41 4.28
CA ALA A 175 6.86 1.06 4.86
C ALA A 175 7.12 0.60 6.30
N VAL A 176 6.08 0.54 7.13
CA VAL A 176 6.24 0.15 8.53
C VAL A 176 6.78 -1.27 8.64
N ARG A 177 6.23 -2.20 7.86
CA ARG A 177 6.74 -3.57 7.90
C ARG A 177 8.21 -3.62 7.55
N ALA A 178 8.59 -2.87 6.50
CA ALA A 178 9.96 -2.92 6.00
C ALA A 178 10.94 -2.29 6.98
N PHE A 179 10.60 -1.11 7.53
CA PHE A 179 11.47 -0.49 8.52
C PHE A 179 11.57 -1.31 9.81
N ALA A 180 10.47 -1.94 10.23
CA ALA A 180 10.55 -2.78 11.44
C ALA A 180 11.65 -3.84 11.28
N GLN A 181 11.69 -4.48 10.11
CA GLN A 181 12.70 -5.52 9.87
C GLN A 181 14.09 -4.95 9.68
N VAL A 182 14.23 -3.91 8.84
CA VAL A 182 15.55 -3.34 8.57
C VAL A 182 16.18 -2.80 9.85
N LEU A 183 15.39 -2.09 10.67
CA LEU A 183 15.92 -1.49 11.90
C LEU A 183 15.92 -2.44 13.09
N ASN A 184 15.28 -3.60 12.97
N ASN A 184 15.27 -3.59 12.98
CA ASN A 184 15.06 -4.49 14.12
CA ASN A 184 15.09 -4.48 14.13
C ASN A 184 14.35 -3.74 15.25
C ASN A 184 14.34 -3.77 15.25
N LEU A 185 13.29 -3.04 14.87
CA LEU A 185 12.49 -2.25 15.79
C LEU A 185 11.16 -2.97 16.01
N PRO A 186 10.92 -3.54 17.20
CA PRO A 186 9.66 -4.25 17.42
C PRO A 186 8.47 -3.34 17.17
N THR A 187 7.51 -3.84 16.37
CA THR A 187 6.41 -3.04 15.90
C THR A 187 5.10 -3.81 16.00
N THR A 188 4.03 -3.06 16.25
CA THR A 188 2.65 -3.52 16.09
C THR A 188 1.93 -2.60 15.13
N ILE A 189 1.24 -3.19 14.14
CA ILE A 189 0.32 -2.49 13.27
C ILE A 189 -1.09 -2.82 13.76
N ALA A 190 -1.80 -1.81 14.26
CA ALA A 190 -3.13 -2.02 14.83
C ALA A 190 -4.16 -1.32 13.94
N ARG A 191 -4.89 -2.10 13.15
CA ARG A 191 -5.94 -1.59 12.27
C ARG A 191 -7.13 -1.23 13.13
N LEU A 192 -7.36 0.06 13.34
CA LEU A 192 -8.35 0.52 14.32
C LEU A 192 -9.75 0.56 13.74
N ASN A 193 -10.73 0.29 14.60
CA ASN A 193 -12.16 0.41 14.28
C ASN A 193 -12.65 1.80 14.67
N ILE A 194 -13.93 1.95 14.97
CA ILE A 194 -14.52 3.26 15.26
C ILE A 194 -14.28 3.57 16.73
N ALA A 195 -13.46 4.60 17.00
CA ALA A 195 -13.19 5.06 18.36
C ALA A 195 -14.26 6.08 18.79
N TYR A 196 -14.60 6.07 20.09
CA TYR A 196 -15.57 7.04 20.61
C TYR A 196 -15.31 7.24 22.09
N GLY A 197 -15.80 8.36 22.62
CA GLY A 197 -15.64 8.66 24.04
C GLY A 197 -15.97 10.10 24.33
N PRO A 198 -15.84 10.51 25.60
CA PRO A 198 -16.37 11.82 26.00
C PRO A 198 -15.46 12.99 25.72
N GLY A 199 -14.23 12.76 25.22
CA GLY A 199 -13.37 13.84 24.83
C GLY A 199 -13.50 14.21 23.37
N GLY A 200 -12.81 15.27 22.99
CA GLY A 200 -12.79 15.70 21.61
C GLY A 200 -14.18 16.08 21.13
N TYR A 201 -14.58 15.55 19.99
CA TYR A 201 -15.95 15.70 19.54
C TYR A 201 -16.77 14.42 19.71
N GLY A 202 -16.19 13.37 20.28
CA GLY A 202 -16.94 12.19 20.64
C GLY A 202 -16.89 11.03 19.67
N GLY A 203 -16.24 11.19 18.50
CA GLY A 203 -16.19 10.13 17.54
C GLY A 203 -17.38 10.10 16.61
N VAL A 204 -17.34 9.14 15.68
CA VAL A 204 -18.40 8.97 14.69
C VAL A 204 -19.80 8.95 15.30
N PRO A 205 -20.05 8.31 16.44
CA PRO A 205 -21.42 8.37 16.98
C PRO A 205 -21.92 9.79 17.19
N MET A 206 -21.06 10.71 17.63
CA MET A 206 -21.46 12.11 17.80
C MET A 206 -21.50 12.87 16.49
N LEU A 207 -20.71 12.47 15.49
CA LEU A 207 -20.88 13.06 14.17
C LEU A 207 -22.27 12.76 13.63
N TYR A 208 -22.77 11.54 13.84
N TYR A 208 -22.75 11.53 13.81
CA TYR A 208 -24.13 11.25 13.40
CA TYR A 208 -24.13 11.19 13.44
C TYR A 208 -25.16 11.97 14.27
C TYR A 208 -25.12 12.02 14.25
N PHE A 209 -24.89 12.15 15.56
CA PHE A 209 -25.83 12.92 16.39
C PHE A 209 -25.91 14.37 15.91
N LYS A 210 -24.78 14.98 15.54
CA LYS A 210 -24.79 16.34 15.03
C LYS A 210 -25.58 16.44 13.72
N ARG A 211 -25.48 15.42 12.87
N ARG A 211 -25.47 15.43 12.86
CA ARG A 211 -26.31 15.39 11.67
CA ARG A 211 -26.31 15.40 11.67
C ARG A 211 -27.79 15.32 12.03
C ARG A 211 -27.78 15.33 12.04
N MET A 212 -28.13 14.52 13.05
CA MET A 212 -29.52 14.43 13.51
C MET A 212 -30.03 15.79 13.96
N LEU A 213 -29.25 16.48 14.78
CA LEU A 213 -29.65 17.81 15.24
C LEU A 213 -29.85 18.77 14.07
N ALA A 214 -29.04 18.64 13.03
CA ALA A 214 -29.09 19.56 11.90
C ALA A 214 -30.13 19.18 10.87
N GLY A 215 -30.79 18.03 11.02
CA GLY A 215 -31.70 17.55 10.01
C GLY A 215 -31.03 17.07 8.76
N GLU A 216 -29.74 16.76 8.83
CA GLU A 216 -28.97 16.35 7.66
C GLU A 216 -29.11 14.85 7.45
N PRO A 217 -29.14 14.38 6.20
CA PRO A 217 -29.37 12.96 5.97
C PRO A 217 -28.19 12.12 6.41
N ILE A 218 -28.50 10.91 6.86
CA ILE A 218 -27.50 9.92 7.23
C ILE A 218 -27.57 8.79 6.22
N PRO A 219 -26.56 8.65 5.33
CA PRO A 219 -26.61 7.56 4.34
C PRO A 219 -26.52 6.20 5.02
N VAL A 220 -27.44 5.30 4.65
CA VAL A 220 -27.40 3.92 5.11
C VAL A 220 -27.48 3.02 3.89
N PRO A 221 -27.06 1.76 4.01
CA PRO A 221 -27.09 0.86 2.84
C PRO A 221 -28.52 0.60 2.35
N LYS A 222 -28.63 0.25 1.07
CA LYS A 222 -29.92 -0.11 0.50
C LYS A 222 -30.43 -1.44 1.05
N GLU A 223 -29.53 -2.34 1.43
CA GLU A 223 -29.88 -3.61 2.04
C GLU A 223 -29.05 -3.78 3.30
N GLY A 224 -29.69 -4.12 4.42
CA GLY A 224 -28.98 -4.27 5.66
C GLY A 224 -28.62 -2.93 6.27
N GLN A 225 -27.66 -2.98 7.19
CA GLN A 225 -27.08 -1.79 7.80
C GLN A 225 -25.57 -2.00 7.86
N ASN A 226 -24.84 -0.91 8.05
CA ASN A 226 -23.42 -1.02 8.34
C ASN A 226 -23.24 -1.51 9.77
N TRP A 227 -22.09 -2.17 10.00
CA TRP A 227 -21.72 -2.71 11.30
C TRP A 227 -20.34 -2.25 11.67
N CYS A 228 -20.09 -2.16 12.98
CA CYS A 228 -18.78 -1.77 13.49
C CYS A 228 -18.50 -2.50 14.79
N SER A 229 -17.28 -2.30 15.30
CA SER A 229 -16.87 -2.77 16.63
C SER A 229 -16.41 -1.57 17.46
N LEU A 230 -17.35 -0.73 17.88
CA LEU A 230 -17.03 0.50 18.61
C LEU A 230 -16.03 0.22 19.71
N LEU A 231 -15.04 1.10 19.84
CA LEU A 231 -14.01 1.00 20.88
C LEU A 231 -14.00 2.29 21.70
N HIS A 232 -14.33 2.18 23.00
CA HIS A 232 -14.37 3.33 23.87
C HIS A 232 -12.96 3.74 24.27
N THR A 233 -12.75 5.06 24.38
CA THR A 233 -11.49 5.65 24.85
C THR A 233 -10.86 4.92 26.03
N ASP A 234 -11.65 4.61 27.06
CA ASP A 234 -11.06 4.03 28.26
C ASP A 234 -10.49 2.65 28.01
N ASP A 235 -11.12 1.87 27.11
CA ASP A 235 -10.55 0.60 26.69
C ASP A 235 -9.35 0.82 25.77
N LEU A 236 -9.47 1.73 24.79
CA LEU A 236 -8.37 2.05 23.88
C LEU A 236 -7.10 2.40 24.63
N VAL A 237 -7.21 3.29 25.63
CA VAL A 237 -6.05 3.69 26.42
C VAL A 237 -5.44 2.48 27.12
N ALA A 238 -6.26 1.64 27.74
CA ALA A 238 -5.74 0.47 28.42
C ALA A 238 -5.02 -0.47 27.48
N HIS A 239 -5.45 -0.54 26.21
CA HIS A 239 -4.85 -1.48 25.28
C HIS A 239 -3.44 -1.06 24.84
N VAL A 240 -3.12 0.25 24.83
CA VAL A 240 -1.87 0.68 24.21
C VAL A 240 -0.65 0.00 24.82
N PRO A 241 -0.49 -0.04 26.14
CA PRO A 241 0.65 -0.78 26.71
C PRO A 241 0.70 -2.24 26.29
N ARG A 242 -0.47 -2.88 26.18
CA ARG A 242 -0.50 -4.28 25.78
C ARG A 242 -0.10 -4.45 24.33
N LEU A 243 -0.49 -3.51 23.47
CA LEU A 243 -0.08 -3.54 22.05
C LEU A 243 1.42 -3.33 21.88
N TRP A 244 2.02 -2.46 22.71
CA TRP A 244 3.48 -2.33 22.72
C TRP A 244 4.14 -3.63 23.16
N GLU A 245 3.60 -4.29 24.21
N GLU A 245 3.60 -4.29 24.19
CA GLU A 245 4.17 -5.56 24.66
CA GLU A 245 4.16 -5.56 24.66
C GLU A 245 4.12 -6.63 23.57
C GLU A 245 4.13 -6.62 23.56
N ALA A 246 3.12 -6.58 22.69
CA ALA A 246 2.99 -7.56 21.61
C ALA A 246 3.83 -7.22 20.37
N ALA A 247 4.51 -6.08 20.37
CA ALA A 247 5.29 -5.67 19.19
C ALA A 247 6.42 -6.67 18.93
N ALA A 248 6.75 -6.84 17.66
CA ALA A 248 7.70 -7.87 17.25
C ALA A 248 8.31 -7.52 15.90
N THR A 249 9.28 -8.34 15.50
CA THR A 249 9.81 -8.33 14.13
C THR A 249 9.74 -9.76 13.63
N PRO A 250 8.97 -10.07 12.56
CA PRO A 250 8.15 -9.14 11.77
C PRO A 250 7.04 -8.47 12.58
N ALA A 251 6.53 -7.35 12.06
CA ALA A 251 5.51 -6.59 12.75
C ALA A 251 4.30 -7.45 13.09
N THR A 252 3.74 -7.23 14.28
CA THR A 252 2.50 -7.86 14.72
C THR A 252 1.33 -7.10 14.12
N LEU A 253 0.42 -7.81 13.47
CA LEU A 253 -0.78 -7.22 12.87
C LEU A 253 -2.00 -7.60 13.70
N VAL A 254 -2.82 -6.60 14.05
CA VAL A 254 -4.03 -6.88 14.82
C VAL A 254 -5.14 -5.93 14.42
N ASN A 255 -6.34 -6.49 14.29
CA ASN A 255 -7.56 -5.70 14.13
C ASN A 255 -7.99 -5.22 15.51
N TRP A 256 -8.06 -3.90 15.70
CA TRP A 256 -8.19 -3.26 17.01
C TRP A 256 -9.58 -2.63 17.13
N GLY A 257 -10.50 -3.35 17.76
CA GLY A 257 -11.85 -2.88 17.97
C GLY A 257 -12.35 -3.32 19.34
N GLY A 258 -13.60 -2.98 19.64
CA GLY A 258 -14.23 -3.43 20.86
C GLY A 258 -14.75 -4.86 20.77
N ASP A 259 -15.37 -5.31 21.87
CA ASP A 259 -15.83 -6.68 21.99
C ASP A 259 -17.28 -6.87 21.55
N GLU A 260 -17.97 -5.81 21.16
CA GLU A 260 -19.38 -5.90 20.77
C GLU A 260 -19.57 -5.50 19.32
N ALA A 261 -20.32 -6.31 18.58
CA ALA A 261 -20.77 -5.91 17.25
C ALA A 261 -21.92 -4.93 17.39
N VAL A 262 -21.78 -3.74 16.78
CA VAL A 262 -22.74 -2.65 16.91
C VAL A 262 -23.20 -2.25 15.51
N GLY A 263 -24.52 -2.34 15.27
CA GLY A 263 -25.06 -1.84 14.02
C GLY A 263 -25.11 -0.32 14.03
N ILE A 264 -24.70 0.28 12.90
CA ILE A 264 -24.68 1.74 12.80
C ILE A 264 -26.09 2.30 12.91
N THR A 265 -27.04 1.69 12.21
CA THR A 265 -28.44 2.13 12.34
C THR A 265 -28.97 1.88 13.75
N ASP A 266 -28.57 0.77 14.38
CA ASP A 266 -28.93 0.55 15.77
C ASP A 266 -28.37 1.66 16.68
N CYS A 267 -27.14 2.08 16.41
CA CYS A 267 -26.56 3.16 17.21
C CYS A 267 -27.38 4.44 17.06
N VAL A 268 -27.75 4.77 15.82
CA VAL A 268 -28.58 5.96 15.57
C VAL A 268 -29.92 5.84 16.29
N ARG A 269 -30.55 4.67 16.23
N ARG A 269 -30.55 4.67 16.23
CA ARG A 269 -31.81 4.47 16.93
CA ARG A 269 -31.82 4.48 16.93
C ARG A 269 -31.66 4.69 18.42
C ARG A 269 -31.66 4.69 18.43
N TYR A 270 -30.53 4.23 19.00
CA TYR A 270 -30.30 4.45 20.43
C TYR A 270 -30.16 5.94 20.74
N LEU A 271 -29.46 6.68 19.88
CA LEU A 271 -29.39 8.13 20.05
C LEU A 271 -30.78 8.76 20.04
N GLU A 272 -31.65 8.30 19.14
CA GLU A 272 -33.03 8.80 19.12
C GLU A 272 -33.75 8.48 20.43
N GLU A 273 -33.59 7.24 20.92
N GLU A 273 -33.59 7.24 20.92
CA GLU A 273 -34.27 6.84 22.15
CA GLU A 273 -34.25 6.82 22.15
C GLU A 273 -33.80 7.67 23.33
C GLU A 273 -33.80 7.66 23.33
N LEU A 274 -32.50 7.96 23.41
CA LEU A 274 -32.00 8.68 24.57
C LEU A 274 -32.42 10.14 24.58
N THR A 275 -32.50 10.77 23.41
CA THR A 275 -32.60 12.21 23.32
C THR A 275 -33.96 12.71 22.87
N GLY A 276 -34.73 11.90 22.14
CA GLY A 276 -35.94 12.35 21.49
C GLY A 276 -35.73 13.01 20.15
N VAL A 277 -34.49 13.10 19.67
CA VAL A 277 -34.20 13.71 18.38
C VAL A 277 -34.38 12.65 17.30
N ARG A 278 -35.09 13.01 16.23
CA ARG A 278 -35.39 12.09 15.14
C ARG A 278 -34.32 12.16 14.06
N ALA A 279 -33.87 11.01 13.58
CA ALA A 279 -32.88 10.94 12.52
C ALA A 279 -33.56 10.81 11.15
N ARG A 280 -32.83 11.20 10.11
CA ARG A 280 -33.27 11.09 8.72
C ARG A 280 -32.32 10.12 7.99
N LEU A 281 -32.75 8.87 7.85
CA LEU A 281 -31.92 7.85 7.21
C LEU A 281 -32.24 7.79 5.73
N VAL A 282 -31.20 7.75 4.90
CA VAL A 282 -31.39 7.79 3.44
C VAL A 282 -30.68 6.59 2.83
N PRO A 283 -31.40 5.60 2.30
CA PRO A 283 -30.74 4.49 1.62
C PRO A 283 -29.92 5.00 0.44
N SER A 284 -28.65 4.58 0.36
CA SER A 284 -27.71 5.16 -0.58
C SER A 284 -26.73 4.11 -1.09
N GLU A 285 -26.23 4.36 -2.32
CA GLU A 285 -25.22 3.49 -2.92
C GLU A 285 -23.90 3.54 -2.17
N VAL A 286 -23.53 4.71 -1.67
CA VAL A 286 -22.28 4.93 -0.95
C VAL A 286 -22.61 5.40 0.46
N THR A 287 -22.01 4.74 1.45
CA THR A 287 -22.14 5.16 2.83
C THR A 287 -20.75 5.29 3.44
N ARG A 288 -20.69 5.83 4.66
CA ARG A 288 -19.47 5.76 5.46
C ARG A 288 -19.32 4.31 5.89
N GLU A 289 -18.57 3.50 5.14
CA GLU A 289 -18.65 2.05 5.22
C GLU A 289 -17.71 1.49 6.27
N THR A 290 -18.21 1.41 7.48
CA THR A 290 -17.52 0.77 8.56
C THR A 290 -17.64 -0.73 8.43
N TYR A 291 -16.80 -1.44 9.17
CA TYR A 291 -16.86 -2.88 9.28
C TYR A 291 -16.67 -3.24 10.74
N ARG A 292 -17.20 -4.41 11.14
CA ARG A 292 -16.88 -4.97 12.44
C ARG A 292 -15.71 -5.94 12.31
N PHE A 293 -15.01 -6.16 13.43
CA PHE A 293 -13.84 -7.02 13.46
C PHE A 293 -14.09 -8.24 14.34
N ASP A 294 -13.48 -9.36 13.94
CA ASP A 294 -13.33 -10.53 14.80
C ASP A 294 -12.35 -10.17 15.91
N PRO A 295 -12.77 -10.16 17.17
CA PRO A 295 -11.90 -9.69 18.25
C PRO A 295 -10.94 -10.72 18.80
N THR A 296 -10.82 -11.90 18.16
CA THR A 296 -10.08 -13.00 18.76
C THR A 296 -8.62 -12.62 19.03
N ARG A 297 -7.92 -12.13 18.02
CA ARG A 297 -6.49 -11.83 18.21
C ARG A 297 -6.29 -10.67 19.18
N ARG A 298 -7.09 -9.61 19.06
CA ARG A 298 -6.92 -8.49 19.98
C ARG A 298 -7.13 -8.94 21.43
N ARG A 299 -8.15 -9.77 21.66
CA ARG A 299 -8.43 -10.23 23.01
C ARG A 299 -7.25 -11.04 23.57
N GLU A 300 -6.60 -11.84 22.72
N GLU A 300 -6.58 -11.83 22.73
CA GLU A 300 -5.40 -12.55 23.13
CA GLU A 300 -5.41 -12.55 23.19
C GLU A 300 -4.36 -11.59 23.69
C GLU A 300 -4.33 -11.60 23.68
N ILE A 301 -4.23 -10.41 23.09
CA ILE A 301 -3.20 -9.46 23.47
C ILE A 301 -3.63 -8.60 24.66
N THR A 302 -4.87 -8.14 24.68
CA THR A 302 -5.31 -7.12 25.63
C THR A 302 -6.21 -7.63 26.75
N GLY A 303 -6.82 -8.80 26.61
CA GLY A 303 -7.90 -9.17 27.49
C GLY A 303 -9.19 -8.48 27.08
N PRO A 304 -10.27 -8.77 27.79
CA PRO A 304 -11.58 -8.22 27.40
C PRO A 304 -11.68 -6.72 27.62
N CYS A 305 -12.50 -6.09 26.79
CA CYS A 305 -12.90 -4.71 27.01
C CYS A 305 -13.87 -4.62 28.19
N ARG A 306 -14.01 -3.40 28.73
N ARG A 306 -14.01 -3.41 28.72
CA ARG A 306 -14.78 -3.20 29.94
CA ARG A 306 -14.79 -3.19 29.94
C ARG A 306 -16.02 -2.31 29.78
C ARG A 306 -16.02 -2.31 29.78
N VAL A 307 -16.06 -1.42 28.80
CA VAL A 307 -17.13 -0.43 28.71
C VAL A 307 -18.20 -0.93 27.75
N PRO A 308 -19.41 -1.23 28.21
CA PRO A 308 -20.51 -1.55 27.28
C PRO A 308 -20.89 -0.34 26.44
N TRP A 309 -21.24 -0.57 25.17
CA TRP A 309 -21.40 0.55 24.26
C TRP A 309 -22.62 1.44 24.58
N ARG A 310 -23.73 0.86 25.06
N ARG A 310 -23.73 0.86 25.04
CA ARG A 310 -24.88 1.71 25.35
CA ARG A 310 -24.88 1.69 25.36
C ARG A 310 -24.57 2.64 26.52
C ARG A 310 -24.53 2.65 26.50
N GLU A 311 -23.89 2.13 27.55
CA GLU A 311 -23.44 2.98 28.66
C GLU A 311 -22.43 4.01 28.18
N GLY A 312 -21.48 3.60 27.32
CA GLY A 312 -20.48 4.52 26.84
C GLY A 312 -21.04 5.62 25.98
N VAL A 313 -21.97 5.28 25.07
CA VAL A 313 -22.58 6.30 24.22
C VAL A 313 -23.42 7.27 25.04
N ARG A 314 -24.17 6.76 26.03
N ARG A 314 -24.16 6.76 26.03
CA ARG A 314 -24.97 7.62 26.88
CA ARG A 314 -24.96 7.66 26.86
C ARG A 314 -24.08 8.65 27.60
C ARG A 314 -24.07 8.66 27.59
N ARG A 315 -22.95 8.20 28.15
CA ARG A 315 -22.08 9.11 28.88
C ARG A 315 -21.34 10.05 27.96
N THR A 316 -21.09 9.65 26.71
CA THR A 316 -20.54 10.56 25.72
C THR A 316 -21.51 11.71 25.44
N LEU A 317 -22.81 11.39 25.27
CA LEU A 317 -23.81 12.44 25.16
C LEU A 317 -23.86 13.33 26.40
N GLN A 318 -23.81 12.73 27.57
CA GLN A 318 -23.87 13.53 28.79
C GLN A 318 -22.71 14.52 28.84
N ALA A 319 -21.55 14.14 28.30
CA ALA A 319 -20.38 15.00 28.34
C ALA A 319 -20.43 16.10 27.29
N LEU A 320 -20.90 15.77 26.08
CA LEU A 320 -20.78 16.68 24.96
C LEU A 320 -22.07 17.36 24.54
N HIS A 321 -23.24 16.78 24.83
CA HIS A 321 -24.51 17.36 24.43
C HIS A 321 -25.55 17.21 25.53
N PRO A 322 -25.23 17.56 26.79
CA PRO A 322 -26.17 17.26 27.88
C PRO A 322 -27.49 17.97 27.75
N GLU A 323 -27.52 19.14 27.10
CA GLU A 323 -28.76 19.90 26.97
C GLU A 323 -29.81 19.16 26.15
N HIS A 324 -29.40 18.15 25.37
CA HIS A 324 -30.34 17.41 24.53
C HIS A 324 -30.84 16.13 25.17
N LEU A 325 -30.39 15.82 26.39
CA LEU A 325 -30.92 14.70 27.16
C LEU A 325 -32.08 15.18 28.04
N PRO A 326 -33.15 14.40 28.16
CA PRO A 326 -34.26 14.81 29.03
C PRO A 326 -33.84 14.99 30.48
N HIS B 20 22.95 4.24 -23.43
CA HIS B 20 24.36 3.85 -23.35
C HIS B 20 24.82 3.82 -21.88
N MET B 21 25.56 2.77 -21.53
N MET B 21 25.59 2.79 -21.54
CA MET B 21 26.08 2.59 -20.18
CA MET B 21 26.09 2.62 -20.18
C MET B 21 27.27 1.66 -20.25
C MET B 21 27.25 1.64 -20.22
N GLU B 22 28.36 2.03 -19.60
CA GLU B 22 29.55 1.18 -19.59
C GLU B 22 30.29 1.40 -18.28
N GLY B 23 30.95 0.34 -17.81
CA GLY B 23 31.80 0.43 -16.64
C GLY B 23 31.07 0.50 -15.33
N LYS B 24 29.78 0.18 -15.31
CA LYS B 24 28.99 0.24 -14.09
C LYS B 24 28.89 -1.15 -13.46
N LYS B 25 28.34 -1.19 -12.25
CA LYS B 25 28.18 -2.42 -11.49
C LYS B 25 26.72 -2.52 -11.07
N ILE B 26 26.00 -3.47 -11.66
CA ILE B 26 24.55 -3.44 -11.69
C ILE B 26 24.00 -4.65 -10.97
N LEU B 27 23.08 -4.41 -10.04
CA LEU B 27 22.36 -5.46 -9.34
C LEU B 27 20.99 -5.60 -9.95
N VAL B 28 20.66 -6.80 -10.45
CA VAL B 28 19.35 -7.09 -11.02
C VAL B 28 18.68 -8.21 -10.23
N THR B 29 17.45 -7.98 -9.76
CA THR B 29 16.60 -9.06 -9.28
C THR B 29 15.56 -9.37 -10.37
N GLY B 30 15.02 -10.58 -10.32
CA GLY B 30 14.11 -10.99 -11.38
C GLY B 30 14.75 -11.23 -12.73
N GLY B 31 16.05 -11.50 -12.74
CA GLY B 31 16.81 -11.67 -13.97
C GLY B 31 16.48 -12.91 -14.76
N THR B 32 15.75 -13.87 -14.18
CA THR B 32 15.25 -15.00 -14.98
C THR B 32 13.92 -14.68 -15.63
N GLY B 33 13.29 -13.55 -15.29
CA GLY B 33 11.93 -13.30 -15.71
C GLY B 33 11.80 -12.64 -17.07
N GLN B 34 10.56 -12.49 -17.52
N GLN B 34 10.55 -12.46 -17.48
CA GLN B 34 10.30 -11.93 -18.84
CA GLN B 34 10.24 -11.94 -18.81
C GLN B 34 10.88 -10.52 -18.99
C GLN B 34 10.75 -10.51 -19.01
N VAL B 35 10.74 -9.69 -17.95
CA VAL B 35 11.05 -8.28 -18.10
C VAL B 35 12.56 -8.06 -18.00
N ALA B 36 13.16 -8.55 -16.92
CA ALA B 36 14.53 -8.14 -16.60
C ALA B 36 15.61 -8.99 -17.25
N ARG B 37 15.28 -10.19 -17.73
CA ARG B 37 16.34 -10.99 -18.34
C ARG B 37 16.96 -10.28 -19.56
N PRO B 38 16.19 -9.75 -20.51
CA PRO B 38 16.82 -9.04 -21.63
C PRO B 38 17.62 -7.82 -21.21
N VAL B 39 17.17 -7.14 -20.14
CA VAL B 39 17.91 -6.00 -19.62
C VAL B 39 19.26 -6.44 -19.09
N ALA B 40 19.27 -7.47 -18.23
CA ALA B 40 20.51 -7.97 -17.67
C ALA B 40 21.47 -8.43 -18.75
N GLU B 41 20.97 -9.15 -19.75
N GLU B 41 20.97 -9.17 -19.75
CA GLU B 41 21.84 -9.67 -20.80
CA GLU B 41 21.84 -9.67 -20.80
C GLU B 41 22.43 -8.54 -21.65
C GLU B 41 22.44 -8.54 -21.62
N ALA B 42 21.65 -7.50 -21.93
CA ALA B 42 22.19 -6.38 -22.72
C ALA B 42 23.22 -5.58 -21.92
N LEU B 43 22.97 -5.37 -20.62
CA LEU B 43 23.91 -4.63 -19.80
C LEU B 43 25.21 -5.41 -19.55
N ALA B 44 25.19 -6.74 -19.68
CA ALA B 44 26.38 -7.52 -19.40
C ALA B 44 27.50 -7.32 -20.41
N GLU B 45 27.19 -6.77 -21.58
N GLU B 45 27.20 -6.75 -21.58
CA GLU B 45 28.22 -6.57 -22.59
CA GLU B 45 28.25 -6.60 -22.59
C GLU B 45 29.31 -5.62 -22.10
C GLU B 45 29.31 -5.58 -22.18
N ARG B 46 28.93 -4.53 -21.45
CA ARG B 46 29.90 -3.49 -21.08
C ARG B 46 29.89 -3.16 -19.58
N ASN B 47 29.15 -3.91 -18.77
CA ASN B 47 29.05 -3.66 -17.35
C ASN B 47 29.13 -4.97 -16.59
N GLU B 48 29.47 -4.86 -15.30
CA GLU B 48 29.46 -6.00 -14.39
C GLU B 48 28.03 -6.14 -13.85
N VAL B 49 27.37 -7.23 -14.22
CA VAL B 49 25.97 -7.46 -13.85
C VAL B 49 25.88 -8.65 -12.91
N TRP B 50 25.19 -8.45 -11.79
CA TRP B 50 24.87 -9.51 -10.85
C TRP B 50 23.37 -9.74 -10.85
N CYS B 51 22.95 -10.99 -11.05
CA CYS B 51 21.55 -11.36 -10.95
C CYS B 51 21.34 -12.13 -9.65
N LEU B 52 20.41 -11.65 -8.83
CA LEU B 52 20.08 -12.27 -7.55
C LEU B 52 18.75 -13.01 -7.71
N GLY B 53 18.72 -14.26 -7.28
CA GLY B 53 17.50 -15.02 -7.42
C GLY B 53 17.64 -16.43 -6.92
N ARG B 54 16.62 -17.24 -7.23
CA ARG B 54 16.57 -18.64 -6.82
C ARG B 54 16.98 -19.60 -7.92
N PHE B 55 16.70 -19.27 -9.18
CA PHE B 55 17.14 -20.07 -10.32
C PHE B 55 16.63 -21.52 -10.26
N GLY B 56 15.37 -21.68 -9.85
CA GLY B 56 14.77 -22.99 -9.79
C GLY B 56 14.55 -23.67 -11.12
N THR B 57 14.43 -22.89 -12.19
CA THR B 57 14.31 -23.51 -13.52
C THR B 57 15.62 -24.17 -13.91
N PRO B 58 15.63 -25.46 -14.23
CA PRO B 58 16.89 -26.13 -14.57
C PRO B 58 17.60 -25.43 -15.72
N GLY B 59 18.89 -25.17 -15.55
CA GLY B 59 19.73 -24.62 -16.60
C GLY B 59 19.78 -23.11 -16.71
N VAL B 60 18.86 -22.38 -16.06
CA VAL B 60 18.78 -20.95 -16.29
C VAL B 60 19.98 -20.23 -15.69
N GLU B 61 20.47 -20.69 -14.53
CA GLU B 61 21.61 -20.04 -13.92
C GLU B 61 22.83 -20.09 -14.85
N LYS B 62 23.12 -21.25 -15.43
N LYS B 62 23.11 -21.25 -15.45
CA LYS B 62 24.26 -21.40 -16.33
CA LYS B 62 24.25 -21.37 -16.35
C LYS B 62 24.07 -20.57 -17.60
C LYS B 62 24.06 -20.52 -17.60
N GLU B 63 22.84 -20.43 -18.09
N GLU B 63 22.82 -20.43 -18.12
CA GLU B 63 22.61 -19.58 -19.25
CA GLU B 63 22.57 -19.56 -19.27
C GLU B 63 23.02 -18.14 -18.96
C GLU B 63 22.99 -18.12 -18.96
N LEU B 64 22.70 -17.64 -17.75
CA LEU B 64 23.12 -16.30 -17.38
C LEU B 64 24.64 -16.22 -17.22
N ASN B 65 25.24 -17.22 -16.55
CA ASN B 65 26.69 -17.20 -16.36
C ASN B 65 27.43 -17.18 -17.71
N ASP B 66 26.89 -17.88 -18.72
CA ASP B 66 27.52 -17.92 -20.04
C ASP B 66 27.52 -16.56 -20.74
N ARG B 67 26.76 -15.58 -20.24
CA ARG B 67 26.84 -14.22 -20.73
C ARG B 67 27.78 -13.35 -19.90
N GLY B 68 28.42 -13.92 -18.89
CA GLY B 68 29.28 -13.15 -18.02
C GLY B 68 28.55 -12.48 -16.86
N ILE B 69 27.33 -12.90 -16.60
CA ILE B 69 26.55 -12.40 -15.46
C ILE B 69 26.93 -13.20 -14.23
N THR B 70 27.22 -12.52 -13.13
CA THR B 70 27.46 -13.17 -11.85
C THR B 70 26.09 -13.46 -11.22
N THR B 71 25.90 -14.70 -10.79
CA THR B 71 24.66 -15.08 -10.13
C THR B 71 24.88 -15.31 -8.64
N PHE B 72 23.89 -14.90 -7.85
CA PHE B 72 23.97 -14.92 -6.39
C PHE B 72 22.63 -15.43 -5.88
N HIS B 73 22.65 -16.55 -5.16
N HIS B 73 22.66 -16.57 -5.18
CA HIS B 73 21.41 -17.16 -4.68
CA HIS B 73 21.44 -17.14 -4.63
C HIS B 73 20.81 -16.26 -3.60
C HIS B 73 20.84 -16.17 -3.63
N TRP B 74 19.54 -15.89 -3.78
CA TRP B 74 18.90 -14.88 -2.97
C TRP B 74 17.40 -15.13 -3.03
N ASP B 75 16.79 -15.37 -1.88
CA ASP B 75 15.38 -15.72 -1.81
C ASP B 75 14.68 -14.71 -0.92
N MET B 76 13.73 -13.96 -1.50
CA MET B 76 12.99 -12.97 -0.72
C MET B 76 12.17 -13.56 0.42
N ASP B 77 11.87 -14.85 0.37
CA ASP B 77 11.09 -15.48 1.43
C ASP B 77 11.91 -15.66 2.71
N ASP B 78 13.22 -15.57 2.63
CA ASP B 78 14.07 -15.90 3.77
C ASP B 78 13.89 -14.84 4.85
N PRO B 79 13.69 -15.24 6.10
CA PRO B 79 13.63 -14.26 7.19
C PRO B 79 15.01 -13.69 7.48
N GLY B 80 15.01 -12.55 8.13
CA GLY B 80 16.25 -11.94 8.54
C GLY B 80 17.04 -11.38 7.37
N ALA B 81 18.27 -11.00 7.68
CA ALA B 81 19.19 -10.37 6.75
C ALA B 81 20.23 -11.36 6.22
N ALA B 82 20.08 -12.65 6.53
CA ALA B 82 21.10 -13.62 6.14
C ALA B 82 21.25 -13.72 4.63
N ALA B 83 20.18 -13.44 3.88
CA ALA B 83 20.25 -13.52 2.43
C ALA B 83 21.22 -12.51 1.81
N TYR B 84 21.65 -11.51 2.58
CA TYR B 84 22.52 -10.45 2.08
C TYR B 84 23.97 -10.65 2.48
N GLU B 85 24.28 -11.74 3.18
CA GLU B 85 25.66 -12.00 3.57
C GLU B 85 26.50 -12.27 2.33
N GLY B 86 27.64 -11.59 2.24
CA GLY B 86 28.53 -11.77 1.11
C GLY B 86 28.18 -10.98 -0.13
N LEU B 87 27.11 -10.22 -0.12
CA LEU B 87 26.74 -9.40 -1.28
C LEU B 87 27.48 -8.07 -1.24
N PRO B 88 28.17 -7.68 -2.32
CA PRO B 88 28.88 -6.40 -2.32
C PRO B 88 27.92 -5.24 -2.05
N ASP B 89 28.47 -4.15 -1.53
CA ASP B 89 27.67 -2.94 -1.29
C ASP B 89 28.07 -1.77 -2.18
N ASP B 90 28.84 -2.03 -3.25
CA ASP B 90 29.33 -0.98 -4.15
C ASP B 90 28.68 -1.02 -5.53
N PHE B 91 27.47 -1.59 -5.64
CA PHE B 91 26.68 -1.46 -6.86
C PHE B 91 26.38 0.00 -7.15
N THR B 92 26.47 0.36 -8.43
CA THR B 92 26.14 1.72 -8.86
C THR B 92 24.67 1.86 -9.27
N HIS B 93 24.04 0.79 -9.71
CA HIS B 93 22.67 0.83 -10.23
C HIS B 93 21.96 -0.45 -9.84
N VAL B 94 20.65 -0.34 -9.58
CA VAL B 94 19.84 -1.48 -9.14
C VAL B 94 18.55 -1.51 -9.92
N LEU B 95 18.20 -2.69 -10.45
CA LEU B 95 16.88 -2.95 -11.04
C LEU B 95 16.20 -4.02 -10.19
N HIS B 96 15.14 -3.64 -9.47
CA HIS B 96 14.40 -4.59 -8.63
C HIS B 96 13.12 -4.99 -9.37
N SER B 97 13.19 -6.15 -10.03
CA SER B 97 12.12 -6.70 -10.85
C SER B 97 11.49 -7.97 -10.26
N ALA B 98 12.13 -8.63 -9.31
CA ALA B 98 11.54 -9.83 -8.72
C ALA B 98 10.27 -9.46 -7.96
N VAL B 99 9.30 -10.39 -7.96
CA VAL B 99 8.03 -10.17 -7.30
C VAL B 99 7.46 -11.48 -6.79
N ARG B 100 6.90 -11.44 -5.58
CA ARG B 100 5.98 -12.47 -5.09
C ARG B 100 4.55 -11.96 -5.32
N ARG B 101 3.91 -12.47 -6.37
CA ARG B 101 2.61 -11.90 -6.73
C ARG B 101 1.49 -12.31 -5.78
N GLY B 102 1.62 -13.44 -5.11
CA GLY B 102 0.59 -13.86 -4.17
C GLY B 102 -0.48 -14.75 -4.73
N GLU B 103 -0.12 -15.62 -5.68
CA GLU B 103 -1.10 -16.51 -6.28
C GLU B 103 -1.80 -17.38 -5.24
N ASP B 104 -1.13 -17.72 -4.14
CA ASP B 104 -1.73 -18.55 -3.11
C ASP B 104 -2.76 -17.82 -2.26
N GLY B 105 -2.97 -16.52 -2.48
CA GLY B 105 -3.95 -15.75 -1.75
C GLY B 105 -3.53 -15.25 -0.39
N ASP B 106 -2.30 -15.55 0.04
CA ASP B 106 -1.80 -15.14 1.35
C ASP B 106 -1.32 -13.69 1.22
N VAL B 107 -2.24 -12.76 1.44
CA VAL B 107 -1.94 -11.34 1.17
C VAL B 107 -0.91 -10.81 2.16
N ASN B 108 -1.00 -11.20 3.43
CA ASN B 108 0.01 -10.73 4.39
C ASN B 108 1.41 -11.20 4.00
N ALA B 109 1.55 -12.46 3.59
CA ALA B 109 2.87 -12.94 3.17
C ALA B 109 3.38 -12.16 1.94
N ALA B 110 2.50 -11.89 0.97
CA ALA B 110 2.94 -11.17 -0.21
C ALA B 110 3.33 -9.73 0.14
N VAL B 111 2.53 -9.06 0.96
CA VAL B 111 2.86 -7.68 1.34
C VAL B 111 4.18 -7.65 2.12
N GLU B 112 4.31 -8.55 3.10
CA GLU B 112 5.52 -8.59 3.92
C GLU B 112 6.77 -8.88 3.09
N VAL B 113 6.71 -9.94 2.28
CA VAL B 113 7.90 -10.38 1.56
C VAL B 113 8.38 -9.30 0.60
N ASN B 114 7.48 -8.74 -0.19
CA ASN B 114 7.88 -7.74 -1.17
C ASN B 114 8.34 -6.45 -0.51
N SER B 115 7.59 -5.97 0.49
CA SER B 115 7.93 -4.70 1.15
C SER B 115 9.30 -4.79 1.83
N VAL B 116 9.51 -5.88 2.59
CA VAL B 116 10.78 -6.03 3.31
C VAL B 116 11.93 -6.18 2.34
N ALA B 117 11.73 -6.91 1.24
CA ALA B 117 12.79 -7.05 0.25
C ALA B 117 13.19 -5.70 -0.33
N CYS B 118 12.21 -4.84 -0.64
CA CYS B 118 12.53 -3.50 -1.11
C CYS B 118 13.39 -2.75 -0.08
N GLY B 119 12.97 -2.79 1.18
CA GLY B 119 13.72 -2.08 2.19
C GLY B 119 15.13 -2.60 2.39
N ARG B 120 15.28 -3.93 2.43
CA ARG B 120 16.61 -4.50 2.65
C ARG B 120 17.52 -4.24 1.45
N LEU B 121 16.98 -4.37 0.23
N LEU B 121 16.98 -4.34 0.24
CA LEU B 121 17.78 -4.13 -0.97
CA LEU B 121 17.81 -4.14 -0.95
C LEU B 121 18.24 -2.69 -1.03
C LEU B 121 18.22 -2.69 -1.11
N MET B 122 17.31 -1.75 -0.86
CA MET B 122 17.66 -0.32 -0.91
C MET B 122 18.66 0.05 0.16
N THR B 123 18.49 -0.45 1.38
CA THR B 123 19.44 -0.16 2.46
C THR B 123 20.81 -0.73 2.13
N HIS B 124 20.85 -1.98 1.66
CA HIS B 124 22.13 -2.58 1.29
C HIS B 124 22.82 -1.73 0.23
N CYS B 125 22.06 -1.25 -0.74
CA CYS B 125 22.57 -0.50 -1.88
C CYS B 125 22.40 1.01 -1.71
N ARG B 126 22.46 1.50 -0.48
N ARG B 126 22.44 1.50 -0.48
CA ARG B 126 22.14 2.91 -0.21
CA ARG B 126 22.13 2.91 -0.22
C ARG B 126 23.14 3.86 -0.86
C ARG B 126 23.13 3.86 -0.88
N GLY B 127 24.29 3.36 -1.29
CA GLY B 127 25.29 4.19 -1.95
C GLY B 127 25.19 4.22 -3.45
N ALA B 128 24.18 3.57 -4.04
CA ALA B 128 24.07 3.49 -5.49
C ALA B 128 23.69 4.84 -6.09
N GLU B 129 23.98 4.99 -7.39
CA GLU B 129 23.55 6.18 -8.11
C GLU B 129 22.03 6.21 -8.30
N ALA B 130 21.41 5.05 -8.51
CA ALA B 130 20.00 5.03 -8.85
C ALA B 130 19.42 3.64 -8.61
N PHE B 131 18.15 3.63 -8.21
CA PHE B 131 17.37 2.43 -7.93
C PHE B 131 16.10 2.50 -8.75
N LEU B 132 15.83 1.46 -9.54
CA LEU B 132 14.64 1.38 -10.37
C LEU B 132 13.77 0.24 -9.84
N PHE B 133 12.54 0.57 -9.42
CA PHE B 133 11.56 -0.41 -8.95
C PHE B 133 10.48 -0.58 -10.02
N VAL B 134 10.22 -1.82 -10.44
CA VAL B 134 9.18 -2.11 -11.41
C VAL B 134 7.87 -2.33 -10.66
N SER B 135 6.84 -1.55 -10.99
CA SER B 135 5.49 -1.72 -10.44
C SER B 135 4.53 -2.11 -11.57
N THR B 136 3.24 -1.83 -11.39
CA THR B 136 2.21 -2.25 -12.35
C THR B 136 1.13 -1.21 -12.49
N GLY B 137 0.49 -1.20 -13.66
CA GLY B 137 -0.72 -0.43 -13.88
C GLY B 137 -1.98 -1.04 -13.28
N ALA B 138 -1.92 -2.29 -12.82
CA ALA B 138 -3.13 -2.96 -12.37
C ALA B 138 -3.75 -2.27 -11.16
N LEU B 139 -2.97 -1.50 -10.41
CA LEU B 139 -3.48 -0.82 -9.22
C LEU B 139 -4.32 0.41 -9.55
N TYR B 140 -4.41 0.85 -10.81
CA TYR B 140 -5.27 2.01 -11.10
C TYR B 140 -6.74 1.64 -10.95
N LYS B 141 -7.53 2.58 -10.41
CA LYS B 141 -8.97 2.40 -10.35
C LYS B 141 -9.54 2.39 -11.76
N ARG B 142 -10.29 1.35 -12.09
N ARG B 142 -10.33 1.37 -12.06
CA ARG B 142 -10.78 1.18 -13.46
CA ARG B 142 -10.86 1.19 -13.40
C ARG B 142 -11.72 2.31 -13.84
C ARG B 142 -11.73 2.37 -13.81
N GLN B 143 -11.46 2.93 -14.99
CA GLN B 143 -12.30 3.95 -15.60
C GLN B 143 -12.87 3.38 -16.90
N THR B 144 -13.08 4.21 -17.92
CA THR B 144 -13.63 3.72 -19.17
C THR B 144 -12.61 2.84 -19.90
N LEU B 145 -13.11 2.03 -20.85
CA LEU B 145 -12.24 1.07 -21.55
C LEU B 145 -11.04 1.73 -22.20
N ASP B 146 -11.25 2.88 -22.85
CA ASP B 146 -10.18 3.52 -23.62
C ASP B 146 -9.52 4.66 -22.87
N HIS B 147 -9.75 4.78 -21.56
CA HIS B 147 -9.12 5.85 -20.79
C HIS B 147 -7.60 5.69 -20.82
N ALA B 148 -6.90 6.81 -20.99
CA ALA B 148 -5.43 6.83 -20.92
C ALA B 148 -5.03 7.22 -19.49
N TYR B 149 -4.59 6.24 -18.71
CA TYR B 149 -4.28 6.49 -17.31
C TYR B 149 -3.00 7.31 -17.17
N THR B 150 -3.05 8.32 -16.32
CA THR B 150 -1.90 9.15 -16.00
C THR B 150 -1.39 8.80 -14.61
N GLU B 151 -0.22 9.37 -14.29
CA GLU B 151 0.42 9.10 -13.00
C GLU B 151 -0.37 9.63 -11.81
N ASP B 152 -1.31 10.53 -12.05
CA ASP B 152 -2.10 11.12 -10.98
C ASP B 152 -3.51 10.55 -10.89
N ASP B 153 -3.83 9.54 -11.70
CA ASP B 153 -5.18 8.97 -11.67
C ASP B 153 -5.40 8.17 -10.39
N PRO B 154 -6.66 7.99 -10.00
CA PRO B 154 -6.94 7.29 -8.74
C PRO B 154 -6.48 5.84 -8.77
N VAL B 155 -6.24 5.32 -7.57
CA VAL B 155 -5.71 3.99 -7.32
C VAL B 155 -6.66 3.26 -6.39
N ASP B 156 -6.92 1.99 -6.67
CA ASP B 156 -7.73 1.21 -5.72
C ASP B 156 -7.25 -0.21 -5.48
N GLY B 157 -6.16 -0.64 -6.09
CA GLY B 157 -5.63 -1.96 -5.76
C GLY B 157 -6.57 -3.14 -5.98
N VAL B 158 -7.48 -3.04 -6.93
CA VAL B 158 -8.41 -4.12 -7.22
C VAL B 158 -7.94 -4.88 -8.45
N ALA B 159 -7.78 -6.21 -8.32
CA ALA B 159 -7.54 -7.09 -9.46
C ALA B 159 -8.16 -8.45 -9.12
N ASP B 160 -9.36 -8.70 -9.65
CA ASP B 160 -10.06 -9.95 -9.33
C ASP B 160 -9.25 -11.17 -9.79
N TRP B 161 -8.41 -11.01 -10.82
CA TRP B 161 -7.66 -12.13 -11.35
C TRP B 161 -6.47 -12.53 -10.49
N LEU B 162 -6.03 -11.66 -9.58
N LEU B 162 -6.02 -11.66 -9.58
CA LEU B 162 -4.90 -11.95 -8.71
CA LEU B 162 -4.89 -11.95 -8.70
C LEU B 162 -4.96 -10.98 -7.53
C LEU B 162 -4.94 -10.99 -7.52
N PRO B 163 -5.86 -11.20 -6.59
CA PRO B 163 -6.16 -10.15 -5.60
C PRO B 163 -4.98 -9.62 -4.81
N ALA B 164 -4.04 -10.47 -4.40
CA ALA B 164 -2.94 -10.02 -3.57
C ALA B 164 -1.89 -9.20 -4.32
N TYR B 165 -1.93 -9.20 -5.65
CA TYR B 165 -0.84 -8.63 -6.44
C TYR B 165 -0.82 -7.10 -6.40
N PRO B 166 -1.86 -6.38 -6.81
CA PRO B 166 -1.78 -4.91 -6.74
C PRO B 166 -1.67 -4.39 -5.32
N VAL B 167 -2.29 -5.06 -4.35
CA VAL B 167 -2.14 -4.65 -2.95
C VAL B 167 -0.68 -4.72 -2.54
N GLY B 168 0.00 -5.80 -2.90
CA GLY B 168 1.41 -5.91 -2.57
C GLY B 168 2.25 -4.85 -3.24
N LYS B 169 1.86 -4.42 -4.45
CA LYS B 169 2.57 -3.35 -5.14
C LYS B 169 2.35 -1.98 -4.49
N ILE B 170 1.13 -1.69 -4.01
CA ILE B 170 0.91 -0.44 -3.26
C ILE B 170 1.78 -0.42 -2.01
N ALA B 171 1.82 -1.52 -1.27
CA ALA B 171 2.65 -1.61 -0.07
C ALA B 171 4.12 -1.45 -0.40
N ALA B 172 4.58 -2.14 -1.43
CA ALA B 172 5.98 -2.03 -1.83
C ALA B 172 6.34 -0.62 -2.28
N GLU B 173 5.44 0.05 -3.01
CA GLU B 173 5.69 1.42 -3.42
C GLU B 173 5.85 2.34 -2.22
N GLY B 174 5.04 2.11 -1.17
CA GLY B 174 5.19 2.90 0.03
C GLY B 174 6.54 2.71 0.69
N ALA B 175 6.99 1.45 0.78
CA ALA B 175 8.33 1.20 1.30
C ALA B 175 9.41 1.87 0.43
N VAL B 176 9.29 1.75 -0.89
CA VAL B 176 10.31 2.31 -1.78
C VAL B 176 10.38 3.82 -1.65
N ARG B 177 9.23 4.50 -1.63
CA ARG B 177 9.23 5.94 -1.47
C ARG B 177 9.87 6.35 -0.15
N ALA B 178 9.57 5.62 0.92
CA ALA B 178 10.10 5.98 2.24
C ALA B 178 11.60 5.77 2.31
N PHE B 179 12.09 4.61 1.84
CA PHE B 179 13.54 4.37 1.86
C PHE B 179 14.27 5.33 0.92
N ALA B 180 13.68 5.68 -0.23
CA ALA B 180 14.36 6.64 -1.10
C ALA B 180 14.68 7.92 -0.34
N GLN B 181 13.71 8.42 0.43
CA GLN B 181 13.92 9.66 1.17
C GLN B 181 14.85 9.45 2.36
N VAL B 182 14.62 8.41 3.17
CA VAL B 182 15.45 8.21 4.37
C VAL B 182 16.91 8.01 3.99
N LEU B 183 17.17 7.25 2.93
CA LEU B 183 18.53 6.94 2.53
C LEU B 183 19.13 7.96 1.57
N ASN B 184 18.34 8.91 1.07
N ASN B 184 18.33 8.89 1.05
CA ASN B 184 18.76 9.80 0.01
CA ASN B 184 18.80 9.80 0.01
C ASN B 184 19.29 9.01 -1.19
C ASN B 184 19.27 9.03 -1.21
N LEU B 185 18.52 8.00 -1.60
CA LEU B 185 18.86 7.12 -2.70
C LEU B 185 17.98 7.48 -3.89
N PRO B 186 18.51 8.07 -4.96
CA PRO B 186 17.64 8.44 -6.09
C PRO B 186 16.93 7.21 -6.66
N THR B 187 15.62 7.34 -6.84
CA THR B 187 14.75 6.22 -7.18
C THR B 187 13.77 6.62 -8.28
N THR B 188 13.45 5.64 -9.13
CA THR B 188 12.34 5.70 -10.06
C THR B 188 11.42 4.51 -9.81
N ILE B 189 10.12 4.78 -9.72
CA ILE B 189 9.06 3.78 -9.68
C ILE B 189 8.40 3.79 -11.04
N ALA B 190 8.51 2.71 -11.78
CA ALA B 190 7.98 2.63 -13.14
C ALA B 190 6.87 1.58 -13.18
N ARG B 191 5.62 2.05 -13.30
CA ARG B 191 4.44 1.19 -13.33
C ARG B 191 4.33 0.63 -14.74
N LEU B 192 4.70 -0.63 -14.91
CA LEU B 192 4.80 -1.22 -16.24
C LEU B 192 3.45 -1.68 -16.78
N ASN B 193 3.30 -1.56 -18.11
CA ASN B 193 2.15 -2.06 -18.87
C ASN B 193 2.42 -3.51 -19.29
N ILE B 194 1.81 -3.96 -20.38
N ILE B 194 1.86 -3.95 -20.41
CA ILE B 194 2.01 -5.32 -20.86
CA ILE B 194 2.01 -5.33 -20.86
C ILE B 194 3.30 -5.35 -21.67
C ILE B 194 3.26 -5.42 -21.72
N ALA B 195 4.25 -6.18 -21.25
CA ALA B 195 5.49 -6.36 -22.01
C ALA B 195 5.36 -7.55 -22.97
N TYR B 196 6.01 -7.43 -24.13
CA TYR B 196 5.97 -8.53 -25.10
C TYR B 196 7.24 -8.52 -25.95
N GLY B 197 7.50 -9.63 -26.61
CA GLY B 197 8.68 -9.72 -27.45
C GLY B 197 9.14 -11.15 -27.60
N PRO B 198 10.29 -11.38 -28.23
CA PRO B 198 10.63 -12.73 -28.67
C PRO B 198 11.15 -13.65 -27.58
N GLY B 199 11.47 -13.14 -26.42
CA GLY B 199 11.97 -13.98 -25.36
C GLY B 199 10.87 -14.61 -24.53
N GLY B 200 11.26 -15.58 -23.73
CA GLY B 200 10.31 -16.25 -22.87
C GLY B 200 9.16 -16.80 -23.69
N TYR B 201 7.94 -16.55 -23.24
CA TYR B 201 6.76 -17.03 -23.91
C TYR B 201 6.08 -15.97 -24.78
N GLY B 202 6.67 -14.77 -24.88
CA GLY B 202 6.24 -13.78 -25.85
C GLY B 202 5.26 -12.75 -25.35
N GLY B 203 4.78 -12.86 -24.10
CA GLY B 203 3.83 -11.90 -23.60
C GLY B 203 2.39 -12.21 -24.01
N VAL B 204 1.49 -11.34 -23.58
CA VAL B 204 0.05 -11.51 -23.79
C VAL B 204 -0.29 -11.77 -25.25
N PRO B 205 0.29 -11.07 -26.22
CA PRO B 205 -0.07 -11.38 -27.62
C PRO B 205 0.16 -12.83 -27.97
N MET B 206 1.25 -13.43 -27.49
CA MET B 206 1.50 -14.83 -27.81
C MET B 206 0.66 -15.77 -26.96
N LEU B 207 0.24 -15.33 -25.77
CA LEU B 207 -0.70 -16.14 -25.00
C LEU B 207 -2.03 -16.24 -25.73
N TYR B 208 -2.50 -15.13 -26.33
CA TYR B 208 -3.70 -15.19 -27.13
C TYR B 208 -3.52 -16.09 -28.34
N PHE B 209 -2.35 -16.04 -28.99
CA PHE B 209 -2.13 -16.91 -30.14
C PHE B 209 -2.16 -18.38 -29.75
N LYS B 210 -1.58 -18.71 -28.59
N LYS B 210 -1.58 -18.71 -28.59
CA LYS B 210 -1.63 -20.09 -28.11
CA LYS B 210 -1.63 -20.09 -28.11
C LYS B 210 -3.06 -20.55 -27.90
C LYS B 210 -3.06 -20.55 -27.90
N ARG B 211 -3.94 -19.67 -27.41
CA ARG B 211 -5.35 -20.02 -27.28
C ARG B 211 -5.96 -20.25 -28.65
N MET B 212 -5.63 -19.40 -29.63
CA MET B 212 -6.14 -19.60 -30.97
C MET B 212 -5.70 -20.96 -31.53
N LEU B 213 -4.42 -21.30 -31.33
CA LEU B 213 -3.92 -22.59 -31.82
C LEU B 213 -4.66 -23.75 -31.17
N ALA B 214 -5.03 -23.60 -29.90
CA ALA B 214 -5.73 -24.65 -29.17
C ALA B 214 -7.24 -24.65 -29.44
N GLY B 215 -7.74 -23.69 -30.21
CA GLY B 215 -9.16 -23.59 -30.44
C GLY B 215 -9.95 -23.12 -29.25
N GLU B 216 -9.31 -22.43 -28.32
CA GLU B 216 -10.00 -21.97 -27.13
C GLU B 216 -10.75 -20.67 -27.41
N PRO B 217 -11.83 -20.42 -26.68
CA PRO B 217 -12.56 -19.15 -26.88
C PRO B 217 -11.76 -17.98 -26.37
N ILE B 218 -11.96 -16.82 -26.99
CA ILE B 218 -11.28 -15.59 -26.62
C ILE B 218 -12.32 -14.59 -26.14
N PRO B 219 -12.45 -14.39 -24.83
CA PRO B 219 -13.47 -13.46 -24.33
C PRO B 219 -13.14 -12.02 -24.73
N VAL B 220 -14.15 -11.31 -25.22
CA VAL B 220 -14.04 -9.89 -25.53
C VAL B 220 -15.27 -9.19 -24.99
N PRO B 221 -15.21 -7.89 -24.78
CA PRO B 221 -16.38 -7.16 -24.24
C PRO B 221 -17.57 -7.22 -25.17
N LYS B 222 -18.76 -7.04 -24.59
CA LYS B 222 -19.98 -7.01 -25.39
C LYS B 222 -20.08 -5.73 -26.21
N GLU B 223 -19.42 -4.66 -25.76
CA GLU B 223 -19.36 -3.41 -26.51
C GLU B 223 -17.94 -2.87 -26.42
N GLY B 224 -17.38 -2.50 -27.56
CA GLY B 224 -16.03 -1.98 -27.60
C GLY B 224 -14.99 -3.08 -27.41
N GLN B 225 -13.79 -2.66 -27.01
CA GLN B 225 -12.72 -3.61 -26.77
C GLN B 225 -11.86 -3.12 -25.62
N ASN B 226 -11.09 -4.03 -25.05
CA ASN B 226 -10.08 -3.65 -24.07
C ASN B 226 -8.89 -3.01 -24.79
N TRP B 227 -8.22 -2.10 -24.09
CA TRP B 227 -7.13 -1.31 -24.64
C TRP B 227 -5.90 -1.41 -23.75
N CYS B 228 -4.73 -1.39 -24.37
N CYS B 228 -4.73 -1.30 -24.38
CA CYS B 228 -3.48 -1.48 -23.62
CA CYS B 228 -3.45 -1.56 -23.73
C CYS B 228 -2.44 -0.57 -24.27
C CYS B 228 -2.41 -0.64 -24.33
N SER B 229 -1.28 -0.50 -23.65
CA SER B 229 -0.11 0.22 -24.18
C SER B 229 1.07 -0.75 -24.24
N LEU B 230 0.95 -1.78 -25.09
CA LEU B 230 1.99 -2.80 -25.27
C LEU B 230 3.37 -2.17 -25.35
N LEU B 231 4.34 -2.79 -24.70
CA LEU B 231 5.74 -2.37 -24.75
C LEU B 231 6.63 -3.53 -25.22
N HIS B 232 7.27 -3.35 -26.37
CA HIS B 232 8.19 -4.38 -26.87
C HIS B 232 9.47 -4.38 -26.04
N THR B 233 10.00 -5.56 -25.76
N THR B 233 9.99 -5.57 -25.79
CA THR B 233 11.16 -5.62 -24.87
CA THR B 233 11.19 -5.74 -24.98
C THR B 233 12.42 -4.94 -25.45
C THR B 233 12.36 -4.87 -25.45
N ASP B 234 12.54 -4.74 -26.77
CA ASP B 234 13.68 -3.96 -27.26
C ASP B 234 13.58 -2.51 -26.81
N ASP B 235 12.36 -1.95 -26.81
CA ASP B 235 12.15 -0.61 -26.30
C ASP B 235 12.30 -0.57 -24.78
N LEU B 236 11.74 -1.57 -24.08
CA LEU B 236 11.89 -1.68 -22.64
C LEU B 236 13.37 -1.62 -22.25
N VAL B 237 14.21 -2.43 -22.92
CA VAL B 237 15.64 -2.45 -22.62
C VAL B 237 16.25 -1.05 -22.80
N ALA B 238 15.95 -0.40 -23.92
CA ALA B 238 16.49 0.93 -24.19
C ALA B 238 16.11 1.93 -23.11
N HIS B 239 14.92 1.76 -22.53
CA HIS B 239 14.43 2.74 -21.57
C HIS B 239 15.16 2.69 -20.23
N VAL B 240 15.71 1.54 -19.85
CA VAL B 240 16.18 1.38 -18.47
C VAL B 240 17.27 2.39 -18.10
N PRO B 241 18.30 2.63 -18.92
CA PRO B 241 19.27 3.67 -18.56
C PRO B 241 18.64 5.05 -18.39
N ARG B 242 17.64 5.37 -19.21
CA ARG B 242 16.97 6.66 -19.10
C ARG B 242 16.13 6.75 -17.82
N LEU B 243 15.51 5.64 -17.42
CA LEU B 243 14.76 5.62 -16.16
C LEU B 243 15.68 5.81 -14.95
N TRP B 244 16.87 5.21 -14.98
CA TRP B 244 17.85 5.48 -13.94
C TRP B 244 18.27 6.95 -13.94
N GLU B 245 18.47 7.55 -15.13
N GLU B 245 18.46 7.54 -15.13
CA GLU B 245 18.87 8.95 -15.19
CA GLU B 245 18.85 8.95 -15.20
C GLU B 245 17.81 9.87 -14.59
C GLU B 245 17.81 9.85 -14.56
N ALA B 246 16.54 9.47 -14.63
CA ALA B 246 15.44 10.28 -14.11
C ALA B 246 15.18 10.05 -12.62
N ALA B 247 15.90 9.12 -11.99
CA ALA B 247 15.69 8.83 -10.58
C ALA B 247 15.99 10.05 -9.71
N ALA B 248 15.25 10.16 -8.61
CA ALA B 248 15.28 11.37 -7.79
C ALA B 248 14.81 11.05 -6.38
N THR B 249 14.94 12.06 -5.51
CA THR B 249 14.32 12.04 -4.19
C THR B 249 13.52 13.32 -4.07
N PRO B 250 12.20 13.26 -3.89
CA PRO B 250 11.36 12.05 -3.78
C PRO B 250 11.37 11.20 -5.06
N ALA B 251 11.00 9.94 -4.92
CA ALA B 251 11.04 9.00 -6.04
C ALA B 251 10.25 9.53 -7.23
N THR B 252 10.81 9.34 -8.42
CA THR B 252 10.13 9.67 -9.68
C THR B 252 9.14 8.57 -10.03
N LEU B 253 7.90 8.96 -10.31
CA LEU B 253 6.83 8.02 -10.68
C LEU B 253 6.51 8.17 -12.16
N VAL B 254 6.47 7.05 -12.89
CA VAL B 254 6.18 7.10 -14.31
C VAL B 254 5.41 5.84 -14.72
N ASN B 255 4.39 6.05 -15.56
CA ASN B 255 3.68 4.95 -16.20
C ASN B 255 4.51 4.51 -17.41
N TRP B 256 4.86 3.23 -17.44
CA TRP B 256 5.85 2.69 -18.37
C TRP B 256 5.15 1.77 -19.38
N GLY B 257 4.83 2.34 -20.54
CA GLY B 257 4.20 1.60 -21.62
C GLY B 257 4.74 2.05 -22.96
N GLY B 258 4.21 1.45 -24.02
CA GLY B 258 4.56 1.88 -25.37
C GLY B 258 3.86 3.18 -25.78
N ASP B 259 4.16 3.60 -27.00
CA ASP B 259 3.65 4.87 -27.50
C ASP B 259 2.30 4.75 -28.20
N GLU B 260 1.76 3.55 -28.34
CA GLU B 260 0.53 3.35 -29.10
C GLU B 260 -0.55 2.71 -28.22
N ALA B 261 -1.77 3.22 -28.35
CA ALA B 261 -2.94 2.55 -27.80
C ALA B 261 -3.29 1.37 -28.69
N VAL B 262 -3.25 0.15 -28.15
CA VAL B 262 -3.47 -1.06 -28.91
C VAL B 262 -4.75 -1.72 -28.39
N GLY B 263 -5.71 -1.94 -29.28
CA GLY B 263 -6.92 -2.66 -28.90
C GLY B 263 -6.66 -4.15 -28.89
N ILE B 264 -7.13 -4.82 -27.83
CA ILE B 264 -6.88 -6.25 -27.70
C ILE B 264 -7.59 -7.03 -28.81
N THR B 265 -8.82 -6.67 -29.12
CA THR B 265 -9.52 -7.33 -30.21
C THR B 265 -8.81 -7.07 -31.54
N ASP B 266 -8.37 -5.83 -31.77
CA ASP B 266 -7.58 -5.53 -32.97
C ASP B 266 -6.32 -6.39 -33.03
N CYS B 267 -5.65 -6.59 -31.89
CA CYS B 267 -4.45 -7.42 -31.86
C CYS B 267 -4.76 -8.86 -32.24
N VAL B 268 -5.81 -9.45 -31.65
CA VAL B 268 -6.15 -10.84 -31.98
C VAL B 268 -6.58 -10.97 -33.44
N ARG B 269 -7.34 -10.00 -33.95
N ARG B 269 -7.33 -9.99 -33.96
CA ARG B 269 -7.72 -10.02 -35.36
CA ARG B 269 -7.71 -10.04 -35.36
C ARG B 269 -6.50 -9.95 -36.26
C ARG B 269 -6.51 -9.92 -36.28
N TYR B 270 -5.49 -9.17 -35.87
CA TYR B 270 -4.25 -9.10 -36.66
C TYR B 270 -3.50 -10.43 -36.64
N LEU B 271 -3.48 -11.12 -35.50
CA LEU B 271 -2.92 -12.46 -35.46
C LEU B 271 -3.59 -13.39 -36.46
N GLU B 272 -4.93 -13.33 -36.55
CA GLU B 272 -5.65 -14.13 -37.53
C GLU B 272 -5.30 -13.70 -38.94
N GLU B 273 -5.20 -12.39 -39.18
CA GLU B 273 -4.88 -11.87 -40.51
C GLU B 273 -3.50 -12.34 -40.98
N LEU B 274 -2.54 -12.44 -40.06
CA LEU B 274 -1.18 -12.86 -40.43
C LEU B 274 -1.10 -14.34 -40.72
N THR B 275 -1.84 -15.16 -39.97
CA THR B 275 -1.58 -16.60 -39.91
C THR B 275 -2.66 -17.45 -40.54
N GLY B 276 -3.87 -16.94 -40.71
CA GLY B 276 -4.98 -17.77 -41.12
C GLY B 276 -5.60 -18.60 -40.02
N VAL B 277 -5.04 -18.57 -38.81
CA VAL B 277 -5.62 -19.26 -37.67
C VAL B 277 -6.79 -18.41 -37.17
N ARG B 278 -7.97 -19.00 -37.11
CA ARG B 278 -9.16 -18.27 -36.73
C ARG B 278 -9.17 -17.99 -35.23
N ALA B 279 -9.51 -16.75 -34.87
CA ALA B 279 -9.73 -16.39 -33.48
C ALA B 279 -11.19 -16.56 -33.12
N ARG B 280 -11.45 -17.27 -32.01
N ARG B 280 -11.45 -17.26 -32.02
CA ARG B 280 -12.82 -17.60 -31.61
CA ARG B 280 -12.81 -17.60 -31.60
C ARG B 280 -13.29 -16.59 -30.57
C ARG B 280 -13.27 -16.58 -30.56
N LEU B 281 -13.67 -15.40 -31.05
CA LEU B 281 -14.11 -14.34 -30.16
C LEU B 281 -15.49 -14.66 -29.58
N VAL B 282 -15.62 -14.46 -28.27
CA VAL B 282 -16.89 -14.67 -27.59
C VAL B 282 -17.21 -13.43 -26.77
N PRO B 283 -18.19 -12.61 -27.18
CA PRO B 283 -18.56 -11.45 -26.36
C PRO B 283 -19.00 -11.89 -24.98
N SER B 284 -18.46 -11.22 -23.95
CA SER B 284 -18.70 -11.59 -22.57
C SER B 284 -18.77 -10.34 -21.71
N GLU B 285 -19.54 -10.43 -20.63
CA GLU B 285 -19.60 -9.35 -19.65
C GLU B 285 -18.38 -9.32 -18.75
N VAL B 286 -17.64 -10.43 -18.66
CA VAL B 286 -16.45 -10.52 -17.84
C VAL B 286 -15.27 -10.85 -18.75
N THR B 287 -14.35 -9.90 -18.88
CA THR B 287 -13.09 -10.13 -19.58
C THR B 287 -11.96 -9.57 -18.71
N ARG B 288 -10.77 -10.07 -18.94
N ARG B 288 -10.76 -10.09 -18.92
CA ARG B 288 -9.59 -9.54 -18.26
CA ARG B 288 -9.60 -9.55 -18.25
C ARG B 288 -9.42 -8.07 -18.60
C ARG B 288 -9.44 -8.07 -18.59
N GLU B 289 -9.18 -7.26 -17.57
CA GLU B 289 -9.02 -5.83 -17.76
C GLU B 289 -7.60 -5.50 -18.19
N THR B 290 -7.46 -4.57 -19.12
CA THR B 290 -6.19 -4.02 -19.53
C THR B 290 -6.28 -2.50 -19.45
N TYR B 291 -5.13 -1.85 -19.42
CA TYR B 291 -5.05 -0.42 -19.20
C TYR B 291 -4.17 0.22 -20.27
N ARG B 292 -4.68 1.29 -20.89
CA ARG B 292 -3.89 2.19 -21.73
C ARG B 292 -3.24 3.25 -20.85
N PHE B 293 -1.98 3.56 -21.12
CA PHE B 293 -1.29 4.62 -20.40
C PHE B 293 -1.13 5.87 -21.28
N ASP B 294 -1.27 7.04 -20.66
CA ASP B 294 -0.82 8.30 -21.29
C ASP B 294 0.70 8.28 -21.32
N PRO B 295 1.34 8.32 -22.49
CA PRO B 295 2.81 8.21 -22.56
C PRO B 295 3.57 9.53 -22.39
N THR B 296 2.89 10.62 -22.04
CA THR B 296 3.53 11.94 -22.04
C THR B 296 4.75 11.97 -21.14
N ARG B 297 4.60 11.59 -19.87
CA ARG B 297 5.74 11.68 -18.94
C ARG B 297 6.84 10.69 -19.33
N ARG B 298 6.49 9.46 -19.70
CA ARG B 298 7.52 8.50 -20.07
C ARG B 298 8.32 9.00 -21.27
N ARG B 299 7.64 9.58 -22.27
N ARG B 299 7.65 9.57 -22.28
CA ARG B 299 8.34 10.07 -23.46
CA ARG B 299 8.36 10.05 -23.45
C ARG B 299 9.31 11.19 -23.10
C ARG B 299 9.31 11.20 -23.11
N GLU B 300 8.93 12.04 -22.15
CA GLU B 300 9.85 13.09 -21.70
C GLU B 300 11.13 12.49 -21.14
N ILE B 301 11.03 11.31 -20.50
CA ILE B 301 12.18 10.66 -19.90
C ILE B 301 12.99 9.86 -20.90
N THR B 302 12.32 9.10 -21.76
CA THR B 302 13.00 8.10 -22.59
C THR B 302 13.15 8.50 -24.06
N GLY B 303 12.37 9.45 -24.54
CA GLY B 303 12.19 9.64 -25.96
C GLY B 303 11.20 8.65 -26.51
N PRO B 304 10.95 8.72 -27.82
CA PRO B 304 9.93 7.84 -28.42
C PRO B 304 10.39 6.39 -28.48
N CYS B 305 9.42 5.50 -28.44
CA CYS B 305 9.66 4.09 -28.74
C CYS B 305 9.94 3.92 -30.23
N ARG B 306 10.55 2.78 -30.56
CA ARG B 306 10.92 2.50 -31.94
C ARG B 306 10.22 1.32 -32.59
N VAL B 307 9.53 0.46 -31.85
CA VAL B 307 8.91 -0.74 -32.41
C VAL B 307 7.42 -0.48 -32.59
N PRO B 308 6.91 -0.33 -33.82
CA PRO B 308 5.46 -0.28 -34.04
C PRO B 308 4.83 -1.61 -33.66
N TRP B 309 3.57 -1.57 -33.18
CA TRP B 309 3.00 -2.77 -32.58
C TRP B 309 2.74 -3.88 -33.60
N ARG B 310 2.30 -3.54 -34.82
CA ARG B 310 2.05 -4.61 -35.79
C ARG B 310 3.35 -5.27 -36.23
N GLU B 311 4.38 -4.48 -36.49
CA GLU B 311 5.70 -5.05 -36.76
C GLU B 311 6.19 -5.87 -35.58
N GLY B 312 6.05 -5.35 -34.35
CA GLY B 312 6.51 -6.08 -33.19
C GLY B 312 5.81 -7.41 -33.02
N VAL B 313 4.47 -7.41 -33.14
CA VAL B 313 3.72 -8.65 -32.98
C VAL B 313 4.07 -9.64 -34.09
N ARG B 314 4.22 -9.15 -35.33
CA ARG B 314 4.60 -10.02 -36.45
C ARG B 314 5.99 -10.61 -36.22
N ARG B 315 6.95 -9.79 -35.80
CA ARG B 315 8.30 -10.29 -35.54
C ARG B 315 8.32 -11.29 -34.38
N THR B 316 7.47 -11.07 -33.37
CA THR B 316 7.40 -12.01 -32.26
C THR B 316 6.82 -13.34 -32.70
N LEU B 317 5.80 -13.31 -33.56
CA LEU B 317 5.27 -14.54 -34.13
C LEU B 317 6.33 -15.26 -34.94
N GLN B 318 7.10 -14.52 -35.74
CA GLN B 318 8.16 -15.12 -36.56
C GLN B 318 9.21 -15.81 -35.69
N ALA B 319 9.48 -15.25 -34.52
CA ALA B 319 10.48 -15.84 -33.62
C ALA B 319 9.94 -17.09 -32.93
N LEU B 320 8.69 -17.05 -32.45
CA LEU B 320 8.15 -18.10 -31.60
C LEU B 320 7.29 -19.12 -32.34
N HIS B 321 6.69 -18.73 -33.47
CA HIS B 321 5.80 -19.60 -34.25
C HIS B 321 6.05 -19.41 -35.73
N PRO B 322 7.30 -19.59 -36.19
CA PRO B 322 7.61 -19.31 -37.60
C PRO B 322 6.79 -20.13 -38.58
N GLU B 323 6.42 -21.36 -38.21
CA GLU B 323 5.69 -22.23 -39.12
C GLU B 323 4.29 -21.72 -39.41
N HIS B 324 3.80 -20.71 -38.70
CA HIS B 324 2.45 -20.21 -38.91
C HIS B 324 2.40 -18.93 -39.73
N LEU B 325 3.54 -18.43 -40.21
CA LEU B 325 3.55 -17.30 -41.13
C LEU B 325 3.76 -17.79 -42.54
N PRO B 326 3.00 -17.30 -43.53
CA PRO B 326 3.17 -17.76 -44.91
C PRO B 326 4.54 -17.37 -45.50
PA NDP C . -8.00 13.20 13.79
O1A NDP C . -8.74 13.25 12.52
O2A NDP C . -8.74 13.39 15.08
O5B NDP C . -6.78 14.24 13.81
C5B NDP C . -5.79 14.06 12.79
C4B NDP C . -4.45 14.00 13.51
O4B NDP C . -3.35 13.90 12.53
C3B NDP C . -4.19 15.31 14.36
O3B NDP C . -3.62 14.92 15.59
C2B NDP C . -3.18 16.09 13.50
O2B NDP C . -2.29 16.83 14.24
C1B NDP C . -2.41 14.87 12.81
N9A NDP C . -1.86 15.35 11.53
C8A NDP C . -2.54 15.48 10.32
N7A NDP C . -1.79 15.98 9.35
C5A NDP C . -0.56 16.21 9.96
C6A NDP C . 0.66 16.72 9.48
N6A NDP C . 0.79 17.16 8.19
N1A NDP C . 1.72 16.84 10.31
C2A NDP C . 1.55 16.42 11.59
N3A NDP C . 0.46 15.90 12.18
C4A NDP C . -0.58 15.81 11.32
O3 NDP C . -7.26 11.76 13.81
PN NDP C . -7.83 10.49 14.60
O1N NDP C . -7.44 10.61 16.04
O2N NDP C . -9.26 10.20 14.19
O5D NDP C . -7.00 9.25 13.90
C5D NDP C . -5.78 8.90 14.49
C4D NDP C . -5.30 7.58 13.85
O4D NDP C . -6.33 6.57 13.98
C3D NDP C . -5.08 7.77 12.33
O3D NDP C . -3.97 6.93 11.95
C2D NDP C . -6.37 7.24 11.68
O2D NDP C . -6.13 6.72 10.41
C1D NDP C . -6.70 6.09 12.68
N1N NDP C . -8.11 5.74 12.74
C2N NDP C . -9.02 6.55 13.34
C3N NDP C . -10.31 6.15 13.53
C7N NDP C . -11.26 7.02 14.26
O7N NDP C . -11.07 8.18 14.71
N7N NDP C . -12.42 6.44 14.52
C4N NDP C . -10.77 4.91 13.03
C5N NDP C . -9.76 4.13 12.36
C6N NDP C . -8.51 4.53 12.24
P2B NDP C . -2.42 18.52 14.33
O1X NDP C . -3.77 18.74 14.98
O2X NDP C . -1.22 18.85 15.23
O3X NDP C . -2.31 19.02 12.92
H51A NDP C . -5.82 14.78 12.14
H52A NDP C . -5.96 13.24 12.29
H4B NDP C . -4.49 13.21 14.05
H3B NDP C . -4.97 15.88 14.49
HO3A NDP C . -3.38 15.64 15.97
H2B NDP C . -3.68 16.56 12.82
H1B NDP C . -1.71 14.49 13.35
H8A NDP C . -3.43 15.24 10.23
H61A NDP C . 1.25 17.87 8.03
H62A NDP C . 0.41 16.72 7.56
H2A NDP C . 2.30 16.53 12.13
H51N NDP C . -5.86 8.80 15.45
H52N NDP C . -5.11 9.59 14.37
H4D NDP C . -4.48 7.30 14.29
H3D NDP C . -4.97 8.71 12.14
HO3N NDP C . -4.12 6.17 12.31
H2D NDP C . -7.09 7.88 11.65
HO2N NDP C . -5.49 7.18 10.09
H1D NDP C . -6.21 5.29 12.44
H2N NDP C . -8.73 7.39 13.63
H71N NDP C . -12.57 5.64 14.23
H72N NDP C . -13.01 6.85 14.99
H41N NDP C . -11.51 5.05 12.40
H42N NDP C . -11.13 4.38 13.75
H5N NDP C . -10.00 3.30 12.00
H6N NDP C . -7.85 4.03 11.82
O1 KJG D . -15.17 7.07 10.15
O2 KJG D . -10.56 4.28 9.65
C KJG D . -11.65 6.35 10.10
O KJG D . -10.46 6.90 10.23
C1 KJG D . -12.79 7.11 10.20
C10 KJG D . -12.61 0.52 10.24
C11 KJG D . -12.49 1.89 10.38
C12 KJG D . -12.75 8.57 10.45
C13 KJG D . -13.13 9.11 11.66
C14 KJG D . -13.08 10.48 11.88
C15 KJG D . -12.66 11.32 10.88
C16 KJG D . -12.27 10.81 9.65
C17 KJG D . -12.32 9.44 9.44
C2 KJG D . -14.07 6.46 10.03
C3 KJG D . -14.09 5.00 9.73
C4 KJG D . -12.97 4.23 9.64
C5 KJG D . -11.67 4.87 9.80
C6 KJG D . -13.05 2.75 9.44
C7 KJG D . -13.71 2.21 8.35
C8 KJG D . -13.84 0.83 8.22
C9 KJG D . -13.29 -0.02 9.16
O3 KJG D . -15.30 4.49 9.49
C1 GOL E . 19.07 2.22 7.87
O1 GOL E . 19.69 1.17 8.57
C2 GOL E . 19.51 3.53 8.55
O2 GOL E . 20.89 3.60 8.71
C3 GOL E . 18.98 4.65 7.63
O3 GOL E . 19.40 5.86 8.19
H11 GOL E . 19.33 2.25 6.93
H12 GOL E . 18.10 2.16 7.88
HO1 GOL E . 20.48 1.42 8.73
H2 GOL E . 19.13 3.60 9.44
HO2 GOL E . 21.11 4.42 8.76
H31 GOL E . 19.31 4.51 6.73
H32 GOL E . 18.01 4.57 7.57
C1 GOL F . -17.19 -4.49 26.74
O1 GOL F . -17.46 -3.63 25.67
C2 GOL F . -18.46 -5.35 26.91
O2 GOL F . -18.33 -6.58 26.30
C3 GOL F . -18.64 -5.49 28.43
O3 GOL F . -19.93 -5.97 28.63
H11 GOL F . -16.43 -5.07 26.57
H12 GOL F . -17.01 -4.02 27.56
HO1 GOL F . -17.40 -2.84 25.98
H2 GOL F . -19.23 -4.91 26.51
HO2 GOL F . -18.49 -7.18 26.88
H31 GOL F . -17.95 -6.06 28.78
H32 GOL F . -18.49 -4.62 28.85
HO3 GOL F . -20.01 -6.13 29.45
PA NDP G . 8.16 -13.36 -14.01
O1A NDP G . 6.84 -13.85 -13.57
O2A NDP G . 8.58 -13.60 -15.43
O5B NDP G . 9.33 -13.97 -13.06
C5B NDP G . 9.18 -13.66 -11.71
C4B NDP G . 10.56 -13.26 -11.20
O4B NDP G . 10.52 -13.01 -9.77
C3B NDP G . 11.62 -14.37 -11.46
O3B NDP G . 12.78 -13.76 -11.98
C2B NDP G . 11.93 -14.94 -10.06
O2B NDP G . 13.22 -15.30 -9.86
C1B NDP G . 11.56 -13.66 -9.16
N9A NDP G . 11.14 -14.13 -7.82
C8A NDP G . 9.87 -14.57 -7.43
N7A NDP G . 9.82 -14.99 -6.17
C5A NDP G . 11.11 -14.77 -5.69
C6A NDP G . 11.72 -15.03 -4.47
N6A NDP G . 11.01 -15.57 -3.42
N1A NDP G . 13.05 -14.76 -4.27
C2A NDP G . 13.71 -14.26 -5.37
N3A NDP G . 13.25 -13.98 -6.58
C4A NDP G . 11.95 -14.26 -6.73
O3 NDP G . 8.19 -11.77 -13.68
PN NDP G . 8.07 -10.64 -14.83
O1N NDP G . 9.38 -10.51 -15.50
O2N NDP G . 6.79 -10.79 -15.61
O5D NDP G . 7.80 -9.29 -13.91
C5D NDP G . 8.94 -8.60 -13.45
C4D NDP G . 8.45 -7.27 -12.80
O4D NDP G . 7.62 -6.55 -13.74
C3D NDP G . 7.58 -7.57 -11.57
O3D NDP G . 7.83 -6.59 -10.57
C2D NDP G . 6.14 -7.42 -12.11
O2D NDP G . 5.23 -6.99 -11.10
C1D NDP G . 6.36 -6.30 -13.14
N1N NDP G . 5.36 -6.36 -14.24
C2N NDP G . 5.46 -7.30 -15.24
C3N NDP G . 4.62 -7.21 -16.32
C7N NDP G . 4.80 -8.15 -17.44
O7N NDP G . 5.53 -9.19 -17.49
N7N NDP G . 4.17 -7.77 -18.58
C4N NDP G . 3.62 -6.20 -16.44
C5N NDP G . 3.58 -5.28 -15.33
C6N NDP G . 4.42 -5.38 -14.32
P2B NDP G . 13.62 -16.98 -9.84
O1X NDP G . 12.82 -17.59 -8.73
O2X NDP G . 13.24 -17.52 -11.22
O3X NDP G . 15.12 -16.89 -9.60
H51A NDP G . 8.84 -14.44 -11.22
H52A NDP G . 8.53 -12.95 -11.57
H4B NDP G . 10.78 -12.44 -11.67
H3B NDP G . 11.29 -15.09 -12.02
HO3A NDP G . 13.12 -14.33 -12.51
H2B NDP G . 11.27 -15.63 -9.88
H1B NDP G . 12.29 -13.02 -9.07
H8A NDP G . 9.16 -14.55 -8.02
H61A NDP G . 10.59 -16.31 -3.54
H62A NDP G . 10.99 -15.16 -2.68
H2A NDP G . 14.61 -14.07 -5.21
H51N NDP G . 9.56 -8.41 -14.16
H52N NDP G . 9.44 -9.11 -12.80
H4D NDP G . 9.21 -6.73 -12.55
H3D NDP G . 7.75 -8.48 -11.26
HO3N NDP G . 7.65 -5.84 -10.93
H2D NDP G . 5.80 -8.22 -12.54
HO2N NDP G . 5.00 -7.70 -10.70
H1D NDP G . 6.32 -5.43 -12.72
H2N NDP G . 6.09 -7.98 -15.16
H71N NDP G . 3.68 -7.07 -18.58
H72N NDP G . 4.27 -8.25 -19.29
H41N NDP G . 2.74 -6.61 -16.55
H42N NDP G . 3.76 -5.69 -17.26
H5N NDP G . 2.94 -4.61 -15.33
H6N NDP G . 4.40 -4.78 -13.61
O1 KJG H . -0.42 -10.33 -16.96
O2 KJG H . 1.26 -6.26 -13.88
C KJG H . 1.49 -8.55 -14.53
O KJG H . 2.53 -8.64 -13.72
C1 KJG H . 1.06 -9.62 -15.25
C10 KJG H . -0.68 -3.29 -16.34
C11 KJG H . -0.06 -4.53 -16.19
C12 KJG H . 1.57 -11.01 -15.04
C13 KJG H . 2.65 -11.50 -15.79
C14 KJG H . 3.17 -12.75 -15.52
C15 KJG H . 2.64 -13.54 -14.52
C16 KJG H . 1.56 -13.07 -13.79
C17 KJG H . 1.02 -11.82 -14.06
C2 KJG H . 0.01 -9.43 -16.25
C3 KJG H . -0.56 -8.06 -16.41
C4 KJG H . -0.16 -6.98 -15.66
C5 KJG H . 0.89 -7.17 -14.66
C6 KJG H . -0.79 -5.64 -15.80
C7 KJG H . -2.16 -5.50 -15.55
C8 KJG H . -2.77 -4.26 -15.69
C9 KJG H . -2.03 -3.16 -16.09
O3 KJG H . -1.50 -7.92 -17.35
C1 GOL I . -4.82 -0.68 -32.83
O1 GOL I . -5.92 -0.90 -31.99
C2 GOL I . -5.35 -0.12 -34.17
O2 GOL I . -5.89 1.16 -34.04
C3 GOL I . -4.11 -0.13 -35.11
O3 GOL I . -3.20 0.81 -34.63
H11 GOL I . -4.19 -0.05 -32.45
H12 GOL I . -4.31 -1.49 -33.00
HO1 GOL I . -6.51 -1.31 -32.46
H2 GOL I . -6.07 -0.66 -34.51
HO2 GOL I . -5.30 1.72 -34.30
H31 GOL I . -3.76 -1.03 -35.13
H32 GOL I . -4.42 0.05 -36.01
HO3 GOL I . -3.12 1.42 -35.22
C1 GOL J . 3.60 -18.09 -2.78
O1 GOL J . 4.07 -19.42 -2.93
C2 GOL J . 3.05 -17.65 -4.13
O2 GOL J . 1.73 -17.96 -4.29
C3 GOL J . 3.21 -16.15 -4.22
O3 GOL J . 3.51 -15.85 -5.58
H11 GOL J . 2.89 -18.02 -2.11
H12 GOL J . 4.30 -17.48 -2.50
H2 GOL J . 3.57 -18.11 -4.80
H31 GOL J . 2.39 -15.73 -3.92
H32 GOL J . 3.89 -15.86 -3.60
HO3 GOL J . 2.82 -16.06 -6.04
C1 GOL K . -8.16 -24.41 -36.53
O1 GOL K . -7.81 -24.81 -35.24
C2 GOL K . -9.17 -23.27 -36.38
O2 GOL K . -8.89 -22.47 -35.29
C3 GOL K . -9.08 -22.52 -37.72
O3 GOL K . -7.81 -21.93 -37.76
H11 GOL K . -8.56 -25.13 -37.04
H12 GOL K . -7.40 -24.10 -37.04
HO1 GOL K . -7.59 -24.10 -34.82
H2 GOL K . -10.07 -23.61 -36.24
HO2 GOL K . -8.13 -22.11 -35.42
H31 GOL K . -9.24 -23.14 -38.45
H32 GOL K . -9.80 -21.87 -37.77
HO3 GOL K . -7.63 -21.79 -38.58
C1 GOL L . 21.46 8.90 -12.35
C1 GOL L . 21.48 8.76 -12.49
O1 GOL L . 22.49 9.01 -13.29
O1 GOL L . 22.66 8.67 -13.22
C2 GOL L . 21.12 10.32 -11.87
C2 GOL L . 21.41 10.17 -11.88
O2 GOL L . 20.94 11.20 -12.92
O2 GOL L . 20.87 11.11 -12.75
C3 GOL L . 19.83 10.15 -11.03
C3 GOL L . 20.56 10.00 -10.61
O3 GOL L . 19.61 11.37 -10.39
O3 GOL L . 21.42 9.49 -9.62
H11 GOL L . 20.66 8.48 -12.72
H11 GOL L . 20.69 8.60 -13.03
H12 GOL L . 21.71 8.35 -11.59
H12 GOL L . 21.44 8.10 -11.77
H2 GOL L . 21.84 10.69 -11.34
H2 GOL L . 22.30 10.50 -11.67
HO2 GOL L . 20.11 11.20 -13.13
HO2 GOL L . 20.31 10.70 -13.24
H31 GOL L . 19.11 9.88 -11.62
H31 GOL L . 20.16 10.84 -10.37
H32 GOL L . 19.96 9.40 -10.42
H32 GOL L . 19.82 9.40 -10.81
C1 GOL M . 21.72 -4.77 4.39
C1 GOL M . 21.86 -4.69 4.78
O1 GOL M . 22.67 -5.73 4.05
O1 GOL M . 22.67 -5.63 4.12
C2 GOL M . 20.37 -5.52 4.53
C2 GOL M . 20.44 -5.24 4.72
O2 GOL M . 20.52 -6.68 5.27
O2 GOL M . 19.73 -4.75 3.63
C3 GOL M . 19.43 -4.51 5.22
C3 GOL M . 19.79 -4.79 6.03
O3 GOL M . 18.54 -5.26 6.02
O3 GOL M . 18.52 -5.36 6.08
H11 GOL M . 21.92 -4.32 5.22
H11 GOL M . 22.12 -4.56 5.71
H12 GOL M . 21.64 -4.07 3.72
H12 GOL M . 21.90 -3.82 4.37
HO1 GOL M . 23.32 -5.63 4.59
HO1 GOL M . 22.17 -6.00 3.53
H2 GOL M . 20.03 -5.77 3.66
H2 GOL M . 20.45 -6.20 4.62
HO2 GOL M . 19.75 -6.90 5.57
HO2 GOL M . 20.06 -4.00 3.42
H31 GOL M . 19.95 -3.88 5.73
H31 GOL M . 20.36 -5.05 6.77
H32 GOL M . 18.98 -3.99 4.55
H32 GOL M . 19.77 -3.82 6.06
HO3 GOL M . 18.68 -5.03 6.82
HO3 GOL M . 17.96 -4.75 5.86
C1 IPA N . -14.04 4.58 -29.33
C2 IPA N . -15.16 4.39 -28.31
C3 IPA N . -15.82 3.02 -28.47
O2 IPA N . -14.63 4.49 -27.00
H11 IPA N . -13.08 4.57 -28.82
H12 IPA N . -14.18 5.53 -29.83
H13 IPA N . -14.08 3.78 -30.05
H2 IPA N . -15.91 5.17 -28.46
H31 IPA N . -16.03 2.60 -27.48
H32 IPA N . -15.14 2.36 -29.00
H33 IPA N . -16.74 3.13 -29.02
HO2 IPA N . -14.47 5.43 -26.78
#